data_9IOP
#
_entry.id   9IOP
#
_cell.length_a   1.00
_cell.length_b   1.00
_cell.length_c   1.00
_cell.angle_alpha   90.00
_cell.angle_beta   90.00
_cell.angle_gamma   90.00
#
_symmetry.space_group_name_H-M   'P 1'
#
loop_
_entity.id
_entity.type
_entity.pdbx_description
1 polymer 'cUMP-AMP-activated phospholipase'
2 non-polymer 'METHYL ARACHIDONYL FLUOROPHOSPHONATE'
3 non-polymer "3'3'-cUMP-AMP"
#
_entity_poly.entity_id   1
_entity_poly.type   'polypeptide(L)'
_entity_poly.pdbx_seq_one_letter_code
;MTYSVSPSSLLTEYGNDNICRVLALDGGGAKGFYTLGVLKEIEAMLGCPLYKRFDLVFGTSTGAIIAALIALGYEVDQIH
ALYTEHVPRVMSSRSAAARTMALQDLAKEVFQDKTFEDVLMGIGIVATRWMTERPMIFKGNVVQAHGRKGTFSPGFGVSI
ADAVQASCSAYPFFERKVIVTAAGDKVELIDGGYCANNPTLFAIADATVALKKDHKDIRVINVGVGIYPEPKPGLLMRIA
KKWLAVQLLQKTLEINTQSMDQLRDILFKDIPTIRISDTFERPEMATDLLEYNLDKLNTLRQRGRESFGAREAQLREFLI
;
_entity_poly.pdbx_strand_id   A,B,C,D
#
loop_
_chem_comp.id
_chem_comp.type
_chem_comp.name
_chem_comp.formula
A1AEP non-polymer 3'3'-cUMP-AMP 'C19 H23 N7 O14 P2'
MAY non-polymer 'METHYL ARACHIDONYL FLUOROPHOSPHONATE' 'C21 H36 F O2 P'
#
# COMPACT_ATOMS: atom_id res chain seq x y z
N SER A 8 -28.47 19.93 -9.66
CA SER A 8 -28.68 19.03 -8.54
C SER A 8 -28.20 17.62 -8.86
N SER A 9 -29.09 16.81 -9.45
CA SER A 9 -28.83 15.42 -9.84
C SER A 9 -28.38 14.56 -8.66
N LEU A 10 -28.58 15.02 -7.43
CA LEU A 10 -28.25 14.28 -6.22
C LEU A 10 -29.44 14.42 -5.28
N LEU A 11 -30.40 13.52 -5.41
CA LEU A 11 -31.69 13.62 -4.74
C LEU A 11 -31.98 12.40 -3.89
N THR A 12 -30.96 11.87 -3.20
CA THR A 12 -31.12 10.73 -2.31
C THR A 12 -31.27 11.24 -0.88
N GLU A 13 -32.25 10.70 -0.17
CA GLU A 13 -32.54 11.10 1.21
C GLU A 13 -32.37 9.90 2.12
N TYR A 14 -31.45 9.99 3.07
CA TYR A 14 -31.17 8.93 4.02
C TYR A 14 -31.78 9.26 5.37
N GLY A 15 -32.34 8.24 6.02
CA GLY A 15 -32.93 8.44 7.33
C GLY A 15 -31.88 8.58 8.41
N ASN A 16 -32.22 9.34 9.45
CA ASN A 16 -31.29 9.56 10.55
C ASN A 16 -31.18 8.33 11.43
N ASP A 17 -29.94 7.97 11.74
CA ASP A 17 -29.68 6.78 12.59
C ASP A 17 -28.68 7.17 13.67
N ASN A 18 -28.53 6.33 14.70
CA ASN A 18 -27.64 6.62 15.82
C ASN A 18 -26.17 6.50 15.44
N ILE A 19 -25.86 5.87 14.31
CA ILE A 19 -24.46 5.72 13.90
C ILE A 19 -23.90 7.07 13.50
N CYS A 20 -22.73 7.40 14.03
CA CYS A 20 -22.04 8.66 13.75
C CYS A 20 -20.89 8.40 12.78
N ARG A 21 -20.96 8.98 11.60
CA ARG A 21 -19.95 8.80 10.57
C ARG A 21 -19.02 10.02 10.58
N VAL A 22 -17.73 9.76 10.75
CA VAL A 22 -16.71 10.80 10.83
C VAL A 22 -15.84 10.73 9.58
N LEU A 23 -15.46 11.90 9.08
CA LEU A 23 -14.55 12.00 7.93
C LEU A 23 -13.43 12.97 8.30
N ALA A 24 -12.21 12.45 8.39
CA ALA A 24 -11.05 13.25 8.75
C ALA A 24 -10.09 13.32 7.57
N LEU A 25 -9.84 14.53 7.09
CA LEU A 25 -8.97 14.76 5.94
C LEU A 25 -7.56 15.09 6.39
N ASP A 26 -6.59 14.76 5.55
CA ASP A 26 -5.19 15.07 5.78
C ASP A 26 -4.79 16.30 4.98
N GLY A 27 -3.51 16.64 5.04
CA GLY A 27 -2.98 17.76 4.29
C GLY A 27 -1.52 17.58 3.93
N GLY A 28 -1.17 17.83 2.67
CA GLY A 28 0.20 17.65 2.24
C GLY A 28 0.67 18.72 1.28
N GLY A 29 -0.17 19.73 1.05
CA GLY A 29 0.18 20.79 0.12
C GLY A 29 -0.67 20.80 -1.12
N ALA A 30 -0.04 20.94 -2.29
CA ALA A 30 -0.76 20.93 -3.55
C ALA A 30 -1.17 19.53 -4.00
N LYS A 31 -0.91 18.51 -3.18
CA LYS A 31 -1.28 17.14 -3.49
C LYS A 31 -2.68 16.78 -3.03
N GLY A 32 -3.54 17.78 -2.83
CA GLY A 32 -4.91 17.52 -2.40
C GLY A 32 -5.79 16.90 -3.46
N PHE A 33 -5.32 16.83 -4.71
CA PHE A 33 -6.12 16.23 -5.77
C PHE A 33 -6.44 14.77 -5.47
N TYR A 34 -5.55 14.08 -4.76
CA TYR A 34 -5.85 12.71 -4.35
C TYR A 34 -7.08 12.66 -3.47
N THR A 35 -7.28 13.69 -2.64
CA THR A 35 -8.47 13.74 -1.80
C THR A 35 -9.72 14.03 -2.62
N LEU A 36 -9.59 14.87 -3.64
CA LEU A 36 -10.74 15.17 -4.50
C LEU A 36 -11.13 13.94 -5.33
N GLY A 37 -10.14 13.18 -5.79
CA GLY A 37 -10.45 11.99 -6.57
C GLY A 37 -11.19 10.94 -5.77
N VAL A 38 -10.84 10.78 -4.49
CA VAL A 38 -11.52 9.80 -3.66
C VAL A 38 -12.90 10.30 -3.26
N LEU A 39 -13.00 11.57 -2.88
CA LEU A 39 -14.29 12.11 -2.43
C LEU A 39 -15.29 12.19 -3.57
N LYS A 40 -14.81 12.36 -4.81
CA LYS A 40 -15.73 12.42 -5.95
C LYS A 40 -16.46 11.09 -6.12
N GLU A 41 -15.78 9.99 -5.83
CA GLU A 41 -16.43 8.68 -5.95
C GLU A 41 -17.33 8.37 -4.76
N ILE A 42 -17.03 8.94 -3.60
CA ILE A 42 -17.85 8.69 -2.42
C ILE A 42 -19.17 9.43 -2.53
N GLU A 43 -19.16 10.63 -3.13
CA GLU A 43 -20.40 11.38 -3.31
C GLU A 43 -21.29 10.70 -4.34
N ALA A 44 -20.71 10.26 -5.46
CA ALA A 44 -21.49 9.59 -6.49
C ALA A 44 -22.07 8.28 -5.99
N MET A 45 -21.35 7.57 -5.11
CA MET A 45 -21.90 6.35 -4.54
C MET A 45 -23.09 6.62 -3.63
N LEU A 46 -23.10 7.78 -2.97
CA LEU A 46 -24.20 8.10 -2.08
C LEU A 46 -25.39 8.69 -2.84
N GLY A 47 -25.13 9.54 -3.81
CA GLY A 47 -26.20 10.22 -4.51
C GLY A 47 -26.73 11.44 -3.81
N CYS A 48 -25.94 12.05 -2.93
CA CYS A 48 -26.38 13.19 -2.14
C CYS A 48 -25.14 13.97 -1.71
N PRO A 49 -25.29 15.25 -1.36
CA PRO A 49 -24.15 16.00 -0.83
C PRO A 49 -23.64 15.36 0.46
N LEU A 50 -22.37 15.62 0.75
CA LEU A 50 -21.70 14.92 1.84
C LEU A 50 -22.19 15.37 3.22
N TYR A 51 -22.73 16.58 3.33
CA TYR A 51 -23.18 17.07 4.64
C TYR A 51 -24.50 16.46 5.07
N LYS A 52 -25.12 15.61 4.26
CA LYS A 52 -26.37 14.97 4.63
C LYS A 52 -26.17 13.57 5.21
N ARG A 53 -24.95 13.05 5.21
CA ARG A 53 -24.66 11.73 5.75
C ARG A 53 -23.67 11.73 6.89
N PHE A 54 -22.73 12.69 6.92
CA PHE A 54 -21.72 12.77 7.94
C PHE A 54 -22.16 13.68 9.08
N ASP A 55 -21.68 13.36 10.29
CA ASP A 55 -21.99 14.15 11.47
C ASP A 55 -20.81 14.98 11.96
N LEU A 56 -19.63 14.84 11.36
CA LEU A 56 -18.44 15.52 11.82
C LEU A 56 -17.38 15.44 10.73
N VAL A 57 -16.63 16.53 10.55
CA VAL A 57 -15.57 16.59 9.55
C VAL A 57 -14.47 17.53 10.06
N PHE A 58 -13.24 17.03 10.06
CA PHE A 58 -12.08 17.80 10.45
C PHE A 58 -11.17 18.03 9.24
N GLY A 59 -10.08 18.75 9.49
CA GLY A 59 -9.15 19.07 8.42
C GLY A 59 -7.83 19.51 9.01
N THR A 60 -6.88 19.77 8.11
CA THR A 60 -5.54 20.22 8.47
C THR A 60 -5.06 21.13 7.35
N SER A 61 -3.74 21.31 7.24
CA SER A 61 -3.13 22.26 6.31
C SER A 61 -3.88 22.39 4.98
N THR A 62 -4.37 21.24 4.46
CA THR A 62 -5.24 21.24 3.25
C THR A 62 -6.68 20.97 3.67
N GLY A 63 -6.89 20.07 4.63
CA GLY A 63 -8.26 19.71 5.03
C GLY A 63 -9.05 20.99 5.26
N ALA A 64 -8.43 21.97 5.92
CA ALA A 64 -9.09 23.26 6.18
C ALA A 64 -9.80 23.78 4.92
N ILE A 65 -9.31 23.44 3.72
CA ILE A 65 -9.98 24.05 2.57
C ILE A 65 -11.15 23.19 2.13
N ILE A 66 -11.03 21.88 2.25
CA ILE A 66 -12.10 21.00 1.81
C ILE A 66 -13.10 20.70 2.92
N ALA A 67 -12.65 20.65 4.18
CA ALA A 67 -13.58 20.39 5.28
C ALA A 67 -14.57 21.53 5.47
N ALA A 68 -14.14 22.78 5.21
CA ALA A 68 -15.05 23.91 5.36
C ALA A 68 -16.04 23.99 4.22
N LEU A 69 -15.58 23.75 2.99
CA LEU A 69 -16.48 23.83 1.83
C LEU A 69 -17.55 22.75 1.89
N ILE A 70 -17.24 21.59 2.46
CA ILE A 70 -18.26 20.55 2.58
C ILE A 70 -19.30 20.93 3.63
N ALA A 71 -18.86 21.56 4.73
CA ALA A 71 -19.78 21.96 5.77
C ALA A 71 -20.68 23.11 5.34
N LEU A 72 -20.22 23.95 4.40
CA LEU A 72 -21.06 25.04 3.90
C LEU A 72 -22.17 24.53 3.00
N GLY A 73 -21.97 23.39 2.34
CA GLY A 73 -22.99 22.82 1.49
C GLY A 73 -22.55 22.61 0.07
N TYR A 74 -21.28 22.88 -0.23
CA TYR A 74 -20.77 22.74 -1.58
C TYR A 74 -20.73 21.27 -1.99
N GLU A 75 -20.50 21.06 -3.29
CA GLU A 75 -20.38 19.72 -3.85
C GLU A 75 -18.95 19.49 -4.32
N VAL A 76 -18.53 18.22 -4.34
CA VAL A 76 -17.16 17.90 -4.73
C VAL A 76 -16.87 18.35 -6.16
N ASP A 77 -17.87 18.30 -7.04
CA ASP A 77 -17.69 18.79 -8.39
C ASP A 77 -17.46 20.29 -8.42
N GLN A 78 -17.97 21.01 -7.41
CA GLN A 78 -17.76 22.46 -7.35
C GLN A 78 -16.42 22.80 -6.71
N ILE A 79 -15.99 22.00 -5.73
CA ILE A 79 -14.68 22.23 -5.10
C ILE A 79 -13.57 22.05 -6.12
N HIS A 80 -13.64 21.00 -6.93
CA HIS A 80 -12.68 20.81 -8.00
C HIS A 80 -12.75 21.94 -9.03
N ALA A 81 -13.93 22.54 -9.18
CA ALA A 81 -14.08 23.68 -10.08
C ALA A 81 -13.43 24.95 -9.55
N LEU A 82 -12.94 24.92 -8.31
CA LEU A 82 -12.19 26.02 -7.73
C LEU A 82 -10.72 25.69 -7.50
N TYR A 83 -10.43 24.45 -7.14
CA TYR A 83 -9.07 24.04 -6.79
C TYR A 83 -8.13 24.00 -7.99
N THR A 84 -8.65 24.17 -9.21
CA THR A 84 -7.85 24.06 -10.42
C THR A 84 -7.64 25.40 -11.12
N GLU A 85 -8.10 26.49 -10.52
CA GLU A 85 -7.96 27.81 -11.11
C GLU A 85 -7.16 28.78 -10.25
N HIS A 86 -7.03 28.53 -8.95
CA HIS A 86 -6.28 29.37 -8.04
C HIS A 86 -5.11 28.66 -7.40
N VAL A 87 -5.27 27.39 -7.04
CA VAL A 87 -4.17 26.64 -6.45
C VAL A 87 -2.98 26.55 -7.40
N PRO A 88 -3.15 26.29 -8.71
CA PRO A 88 -1.99 26.35 -9.61
C PRO A 88 -1.42 27.75 -9.78
N ARG A 89 -2.07 28.76 -9.20
CA ARG A 89 -1.63 30.14 -9.31
C ARG A 89 -0.87 30.63 -8.08
N VAL A 90 -1.31 30.24 -6.88
CA VAL A 90 -0.66 30.74 -5.68
C VAL A 90 0.75 30.16 -5.52
N MET A 91 0.98 28.95 -6.02
CA MET A 91 2.29 28.32 -5.91
C MET A 91 3.32 28.91 -6.87
N SER A 92 2.92 29.84 -7.73
CA SER A 92 3.84 30.45 -8.70
C SER A 92 4.61 31.62 -8.12
N SER A 93 4.22 32.14 -6.97
CA SER A 93 4.92 33.27 -6.38
C SER A 93 6.30 32.86 -5.89
N ARG A 94 7.25 33.78 -6.01
CA ARG A 94 8.64 33.50 -5.66
C ARG A 94 8.92 33.70 -4.18
N SER A 95 8.52 34.83 -3.62
CA SER A 95 8.80 35.13 -2.22
C SER A 95 7.72 34.52 -1.32
N ALA A 96 8.10 34.29 -0.06
CA ALA A 96 7.16 33.77 0.92
C ALA A 96 6.12 34.81 1.33
N ALA A 97 6.39 36.10 1.11
CA ALA A 97 5.42 37.14 1.43
C ALA A 97 4.37 37.27 0.34
N ALA A 98 4.79 37.19 -0.93
CA ALA A 98 3.84 37.23 -2.03
C ALA A 98 2.92 36.03 -2.02
N ARG A 99 3.40 34.88 -1.53
CA ARG A 99 2.54 33.72 -1.37
C ARG A 99 1.48 33.94 -0.30
N THR A 100 1.68 34.90 0.60
CA THR A 100 0.68 35.21 1.61
C THR A 100 -0.28 36.30 1.16
N MET A 101 0.21 37.31 0.42
CA MET A 101 -0.68 38.33 -0.12
C MET A 101 -1.69 37.74 -1.08
N ALA A 102 -1.33 36.65 -1.75
CA ALA A 102 -2.24 36.03 -2.72
C ALA A 102 -3.26 35.14 -2.05
N LEU A 103 -2.86 34.39 -1.01
CA LEU A 103 -3.78 33.48 -0.35
C LEU A 103 -4.84 34.24 0.45
N GLN A 104 -4.51 35.45 0.91
CA GLN A 104 -5.49 36.23 1.66
C GLN A 104 -6.64 36.69 0.78
N ASP A 105 -6.37 37.00 -0.49
CA ASP A 105 -7.44 37.43 -1.39
C ASP A 105 -8.39 36.30 -1.73
N LEU A 106 -7.90 35.04 -1.74
CA LEU A 106 -8.74 33.93 -2.14
C LEU A 106 -9.85 33.67 -1.12
N ALA A 107 -9.52 33.66 0.17
CA ALA A 107 -10.54 33.46 1.18
C ALA A 107 -11.57 34.58 1.16
N LYS A 108 -11.16 35.79 0.76
CA LYS A 108 -12.08 36.90 0.68
C LYS A 108 -13.09 36.73 -0.45
N GLU A 109 -12.71 36.03 -1.51
CA GLU A 109 -13.57 35.85 -2.67
C GLU A 109 -14.44 34.60 -2.59
N VAL A 110 -14.14 33.67 -1.67
CA VAL A 110 -14.91 32.45 -1.52
C VAL A 110 -15.67 32.43 -0.20
N PHE A 111 -15.09 33.00 0.86
CA PHE A 111 -15.73 33.04 2.17
C PHE A 111 -15.96 34.48 2.60
N GLN A 112 -16.53 35.30 1.72
CA GLN A 112 -16.63 36.74 1.90
C GLN A 112 -17.06 37.14 3.31
N ASP A 113 -18.21 36.65 3.76
CA ASP A 113 -18.80 37.11 5.01
C ASP A 113 -19.27 36.00 5.93
N LYS A 114 -19.05 34.73 5.58
CA LYS A 114 -19.56 33.64 6.39
C LYS A 114 -18.69 33.42 7.62
N THR A 115 -19.32 33.00 8.70
CA THR A 115 -18.65 32.70 9.96
C THR A 115 -18.87 31.24 10.32
N PHE A 116 -18.50 30.87 11.54
CA PHE A 116 -18.68 29.50 12.00
C PHE A 116 -20.07 29.23 12.55
N GLU A 117 -21.03 30.09 12.21
CA GLU A 117 -22.39 29.94 12.71
C GLU A 117 -23.36 29.42 11.65
N ASP A 118 -23.04 29.58 10.36
CA ASP A 118 -23.92 29.15 9.27
C ASP A 118 -23.45 27.85 8.64
N VAL A 119 -22.88 26.95 9.43
CA VAL A 119 -22.47 25.64 8.95
C VAL A 119 -23.61 24.68 9.21
N LEU A 120 -23.64 23.59 8.43
CA LEU A 120 -24.72 22.62 8.49
C LEU A 120 -24.31 21.30 9.12
N MET A 121 -23.14 21.25 9.76
CA MET A 121 -22.64 20.03 10.39
C MET A 121 -21.59 20.41 11.42
N GLY A 122 -20.93 19.41 11.99
CA GLY A 122 -19.88 19.65 12.96
C GLY A 122 -18.53 19.86 12.31
N ILE A 123 -18.03 21.09 12.35
CA ILE A 123 -16.79 21.46 11.70
C ILE A 123 -15.70 21.62 12.76
N GLY A 124 -14.46 21.43 12.34
CA GLY A 124 -13.31 21.67 13.20
C GLY A 124 -12.03 21.77 12.40
N ILE A 125 -11.26 22.83 12.63
CA ILE A 125 -10.02 23.10 11.92
C ILE A 125 -8.90 23.16 12.94
N VAL A 126 -7.76 22.55 12.60
CA VAL A 126 -6.63 22.40 13.51
C VAL A 126 -5.56 23.43 13.14
N ALA A 127 -5.06 24.13 14.15
CA ALA A 127 -3.97 25.08 13.98
C ALA A 127 -3.21 25.18 15.30
N THR A 128 -1.92 25.50 15.20
CA THR A 128 -1.03 25.50 16.35
C THR A 128 -0.68 26.92 16.77
N ARG A 129 -0.75 27.18 18.06
CA ARG A 129 -0.29 28.45 18.59
C ARG A 129 1.23 28.51 18.58
N TRP A 130 1.77 29.72 18.44
CA TRP A 130 3.21 29.88 18.33
C TRP A 130 3.88 30.09 19.68
N MET A 131 3.22 30.75 20.63
CA MET A 131 3.78 30.98 21.95
C MET A 131 3.47 29.82 22.89
N THR A 132 2.19 29.54 23.11
CA THR A 132 1.81 28.43 23.98
C THR A 132 2.19 27.09 23.38
N GLU A 133 2.25 27.01 22.05
CA GLU A 133 2.64 25.80 21.32
C GLU A 133 1.72 24.63 21.67
N ARG A 134 0.44 24.84 21.40
CA ARG A 134 -0.61 23.85 21.61
C ARG A 134 -1.62 23.98 20.48
N PRO A 135 -2.39 22.92 20.23
CA PRO A 135 -3.38 23.00 19.15
C PRO A 135 -4.49 23.99 19.46
N MET A 136 -5.04 24.57 18.40
CA MET A 136 -6.17 25.50 18.49
C MET A 136 -7.24 25.01 17.53
N ILE A 137 -8.33 24.48 18.08
CA ILE A 137 -9.36 23.81 17.29
C ILE A 137 -10.58 24.72 17.21
N PHE A 138 -10.85 25.23 16.02
CA PHE A 138 -12.02 26.09 15.77
C PHE A 138 -13.25 25.19 15.68
N LYS A 139 -13.96 25.04 16.80
CA LYS A 139 -15.16 24.22 16.84
C LYS A 139 -16.32 24.95 16.16
N GLY A 140 -17.48 24.30 16.18
CA GLY A 140 -18.67 24.86 15.56
C GLY A 140 -19.85 25.00 16.50
N ASN A 141 -19.87 24.18 17.55
CA ASN A 141 -20.96 24.18 18.51
C ASN A 141 -20.42 23.96 19.91
N VAL A 142 -21.17 24.44 20.91
CA VAL A 142 -20.72 24.36 22.29
C VAL A 142 -20.70 22.91 22.79
N VAL A 143 -21.38 21.99 22.12
CA VAL A 143 -21.39 20.60 22.54
C VAL A 143 -20.06 19.91 22.27
N GLN A 144 -19.20 20.51 21.46
CA GLN A 144 -17.89 19.95 21.14
C GLN A 144 -16.77 20.55 21.99
N ALA A 145 -17.07 20.98 23.21
CA ALA A 145 -16.09 21.56 24.10
C ALA A 145 -15.81 20.64 25.27
N HIS A 146 -14.59 20.72 25.79
CA HIS A 146 -14.17 19.87 26.91
C HIS A 146 -13.76 20.73 28.10
N GLY A 147 -14.57 21.72 28.45
CA GLY A 147 -14.27 22.59 29.57
C GLY A 147 -14.27 24.05 29.18
N ARG A 148 -14.38 24.93 30.17
CA ARG A 148 -14.45 26.37 29.94
C ARG A 148 -15.59 26.71 28.98
N LYS A 149 -16.75 26.09 29.20
CA LYS A 149 -17.92 26.29 28.35
C LYS A 149 -18.64 27.61 28.63
N GLY A 150 -18.27 28.32 29.70
CA GLY A 150 -18.95 29.56 30.02
C GLY A 150 -18.68 30.67 29.04
N THR A 151 -17.50 30.70 28.44
CA THR A 151 -17.10 31.73 27.50
C THR A 151 -16.88 31.16 26.10
N PHE A 152 -17.68 30.16 25.74
CA PHE A 152 -17.57 29.54 24.41
C PHE A 152 -18.17 30.44 23.36
N SER A 153 -17.35 30.86 22.40
CA SER A 153 -17.80 31.62 21.25
C SER A 153 -17.49 30.84 19.98
N PRO A 154 -18.48 30.44 19.20
CA PRO A 154 -18.21 29.60 18.02
C PRO A 154 -17.26 30.28 17.05
N GLY A 155 -16.24 29.53 16.64
CA GLY A 155 -15.22 30.06 15.76
C GLY A 155 -14.37 31.16 16.35
N PHE A 156 -14.34 31.28 17.68
CA PHE A 156 -13.62 32.34 18.37
C PHE A 156 -14.04 33.72 17.87
N GLY A 157 -15.28 33.82 17.39
CA GLY A 157 -15.76 35.06 16.81
C GLY A 157 -15.03 35.49 15.55
N VAL A 158 -14.26 34.60 14.93
CA VAL A 158 -13.48 34.91 13.74
C VAL A 158 -14.24 34.42 12.52
N SER A 159 -14.15 35.16 11.42
CA SER A 159 -14.78 34.73 10.19
C SER A 159 -14.14 33.45 9.68
N ILE A 160 -14.92 32.67 8.93
CA ILE A 160 -14.42 31.41 8.39
C ILE A 160 -13.37 31.61 7.31
N ALA A 161 -13.19 32.84 6.83
CA ALA A 161 -12.16 33.11 5.85
C ALA A 161 -10.79 33.27 6.49
N ASP A 162 -10.74 33.72 7.74
CA ASP A 162 -9.47 33.91 8.44
C ASP A 162 -9.00 32.67 9.18
N ALA A 163 -9.92 31.79 9.59
CA ALA A 163 -9.56 30.57 10.27
C ALA A 163 -8.99 29.51 9.33
N VAL A 164 -8.93 29.79 8.03
CA VAL A 164 -8.36 28.87 7.06
C VAL A 164 -6.97 29.31 6.63
N GLN A 165 -6.74 30.62 6.51
CA GLN A 165 -5.41 31.11 6.17
C GLN A 165 -4.39 30.76 7.24
N ALA A 166 -4.83 30.47 8.46
CA ALA A 166 -3.90 30.07 9.52
C ALA A 166 -3.36 28.67 9.27
N SER A 167 -4.25 27.69 9.09
CA SER A 167 -3.82 26.33 8.85
C SER A 167 -3.06 26.18 7.54
N CYS A 168 -3.29 27.06 6.58
CA CYS A 168 -2.63 27.00 5.28
C CYS A 168 -1.37 27.85 5.23
N SER A 169 -0.80 28.19 6.38
CA SER A 169 0.35 29.08 6.47
C SER A 169 1.53 28.30 7.06
N ALA A 170 2.31 27.66 6.19
CA ALA A 170 3.54 27.02 6.61
C ALA A 170 4.62 28.07 6.84
N TYR A 171 5.26 28.02 8.00
CA TYR A 171 6.19 29.08 8.37
C TYR A 171 7.37 29.23 7.42
N PRO A 172 8.10 28.18 7.05
CA PRO A 172 9.24 28.39 6.14
C PRO A 172 8.84 28.78 4.73
N PHE A 173 7.58 28.61 4.33
CA PHE A 173 7.15 28.92 2.98
C PHE A 173 6.14 30.05 2.89
N PHE A 174 5.41 30.33 3.97
CA PHE A 174 4.48 31.45 4.03
C PHE A 174 4.87 32.34 5.20
N GLU A 175 4.02 33.32 5.50
CA GLU A 175 4.23 34.16 6.67
C GLU A 175 3.43 33.63 7.85
N ARG A 176 3.62 34.26 9.00
CA ARG A 176 2.90 33.88 10.21
C ARG A 176 1.63 34.72 10.30
N LYS A 177 0.49 34.05 10.40
CA LYS A 177 -0.81 34.72 10.40
C LYS A 177 -1.24 35.01 11.83
N VAL A 178 -1.48 36.29 12.13
CA VAL A 178 -1.97 36.72 13.44
C VAL A 178 -3.43 37.12 13.29
N ILE A 179 -4.25 36.71 14.25
CA ILE A 179 -5.68 36.95 14.20
C ILE A 179 -6.08 37.79 15.42
N VAL A 180 -7.32 38.27 15.40
CA VAL A 180 -7.91 39.01 16.50
C VAL A 180 -9.29 38.42 16.76
N THR A 181 -9.45 37.73 17.88
CA THR A 181 -10.67 37.01 18.18
C THR A 181 -11.74 37.99 18.68
N ALA A 182 -12.84 37.43 19.20
CA ALA A 182 -13.95 38.27 19.66
C ALA A 182 -13.55 39.08 20.89
N ALA A 183 -12.78 38.48 21.80
CA ALA A 183 -12.34 39.17 23.00
C ALA A 183 -11.14 40.08 22.76
N GLY A 184 -10.72 40.24 21.52
CA GLY A 184 -9.59 41.10 21.19
C GLY A 184 -8.26 40.57 21.68
N ASP A 185 -7.90 39.37 21.25
CA ASP A 185 -6.64 38.73 21.63
C ASP A 185 -5.84 38.47 20.37
N LYS A 186 -4.72 39.18 20.22
CA LYS A 186 -3.84 38.99 19.07
C LYS A 186 -3.07 37.69 19.26
N VAL A 187 -3.57 36.62 18.64
CA VAL A 187 -2.98 35.28 18.75
C VAL A 187 -2.11 35.03 17.53
N GLU A 188 -0.91 34.51 17.76
CA GLU A 188 0.00 34.14 16.68
C GLU A 188 -0.18 32.67 16.35
N LEU A 189 -0.41 32.37 15.07
CA LEU A 189 -0.68 31.01 14.63
C LEU A 189 0.21 30.67 13.44
N ILE A 190 0.44 29.37 13.26
CA ILE A 190 1.16 28.85 12.10
C ILE A 190 0.42 27.63 11.58
N ASP A 191 1.03 26.95 10.60
CA ASP A 191 0.42 25.76 10.01
C ASP A 191 0.06 24.75 11.08
N GLY A 192 -0.98 23.98 10.80
CA GLY A 192 -1.47 22.98 11.73
C GLY A 192 -0.86 21.61 11.58
N GLY A 193 0.11 21.44 10.69
CA GLY A 193 0.77 20.17 10.47
C GLY A 193 1.93 19.89 11.40
N TYR A 194 2.19 20.75 12.38
CA TYR A 194 3.30 20.54 13.31
C TYR A 194 2.87 19.72 14.52
N CYS A 195 1.68 19.95 15.05
CA CYS A 195 1.19 19.16 16.17
C CYS A 195 0.54 17.86 15.72
N ALA A 196 -0.22 17.90 14.62
CA ALA A 196 -0.90 16.71 14.11
C ALA A 196 -1.20 16.92 12.63
N ASN A 197 -0.58 16.12 11.78
CA ASN A 197 -0.88 16.14 10.36
C ASN A 197 -2.04 15.23 10.00
N ASN A 198 -2.35 14.26 10.85
CA ASN A 198 -3.49 13.37 10.66
C ASN A 198 -4.43 13.54 11.85
N PRO A 199 -5.54 14.26 11.69
CA PRO A 199 -6.41 14.53 12.83
C PRO A 199 -7.34 13.36 13.18
N THR A 200 -7.02 12.17 12.68
CA THR A 200 -7.85 11.00 12.98
C THR A 200 -7.91 10.74 14.47
N LEU A 201 -6.78 10.89 15.17
CA LEU A 201 -6.77 10.70 16.62
C LEU A 201 -7.55 11.80 17.32
N PHE A 202 -7.52 13.02 16.78
CA PHE A 202 -8.35 14.09 17.33
C PHE A 202 -9.82 13.82 17.14
N ALA A 203 -10.20 13.33 15.95
CA ALA A 203 -11.63 13.10 15.66
C ALA A 203 -12.20 12.04 16.59
N ILE A 204 -11.50 10.93 16.78
CA ILE A 204 -11.98 9.91 17.72
C ILE A 204 -11.99 10.48 19.13
N ALA A 205 -11.05 11.40 19.42
CA ALA A 205 -11.06 12.05 20.73
C ALA A 205 -12.23 12.99 20.89
N ASP A 206 -12.72 13.57 19.79
CA ASP A 206 -13.82 14.51 19.84
C ASP A 206 -15.19 13.85 19.77
N ALA A 207 -15.25 12.55 19.45
CA ALA A 207 -16.51 11.84 19.36
C ALA A 207 -16.68 10.81 20.47
N THR A 208 -15.81 10.83 21.46
CA THR A 208 -15.89 9.90 22.58
C THR A 208 -16.06 10.59 23.92
N VAL A 209 -15.33 11.67 24.19
CA VAL A 209 -15.52 12.44 25.42
C VAL A 209 -16.56 13.53 25.21
N ALA A 210 -16.59 14.15 24.03
CA ALA A 210 -17.67 15.02 23.63
C ALA A 210 -18.54 14.27 22.63
N LEU A 211 -19.86 14.45 22.74
CA LEU A 211 -20.81 13.64 21.99
C LEU A 211 -20.55 12.16 22.26
N LYS A 212 -20.75 11.77 23.52
CA LYS A 212 -20.23 10.51 24.03
C LYS A 212 -20.96 9.35 23.36
N LYS A 213 -20.32 8.75 22.36
CA LYS A 213 -20.80 7.56 21.70
C LYS A 213 -19.96 6.37 22.13
N ASP A 214 -20.47 5.17 21.87
CA ASP A 214 -19.72 3.97 22.15
C ASP A 214 -18.66 3.74 21.08
N HIS A 215 -17.82 2.72 21.30
CA HIS A 215 -16.80 2.38 20.32
C HIS A 215 -17.36 1.62 19.13
N LYS A 216 -18.55 1.02 19.28
CA LYS A 216 -19.18 0.28 18.20
C LYS A 216 -20.13 1.14 17.37
N ASP A 217 -20.24 2.44 17.66
CA ASP A 217 -21.16 3.32 16.96
C ASP A 217 -20.43 4.44 16.23
N ILE A 218 -19.16 4.26 15.92
CA ILE A 218 -18.38 5.25 15.18
C ILE A 218 -17.73 4.55 13.99
N ARG A 219 -17.80 5.20 12.82
CA ARG A 219 -17.19 4.69 11.60
C ARG A 219 -16.28 5.79 11.07
N VAL A 220 -15.03 5.80 11.54
CA VAL A 220 -14.07 6.81 11.09
C VAL A 220 -13.58 6.43 9.70
N ILE A 221 -13.53 7.43 8.82
CA ILE A 221 -13.05 7.23 7.44
C ILE A 221 -11.96 8.27 7.22
N ASN A 222 -10.71 7.80 7.26
CA ASN A 222 -9.51 8.64 7.08
C ASN A 222 -9.20 8.74 5.58
N VAL A 223 -8.78 9.91 5.08
CA VAL A 223 -8.36 10.10 3.71
C VAL A 223 -7.04 10.88 3.71
N GLY A 224 -6.01 10.30 3.11
CA GLY A 224 -4.71 10.92 3.04
C GLY A 224 -4.47 11.61 1.72
N VAL A 225 -3.19 11.83 1.42
CA VAL A 225 -2.80 12.44 0.16
C VAL A 225 -1.73 11.59 -0.51
N GLY A 226 -1.61 10.34 -0.08
CA GLY A 226 -0.64 9.44 -0.65
C GLY A 226 0.78 9.75 -0.21
N ILE A 227 1.70 8.89 -0.64
CA ILE A 227 3.11 9.02 -0.32
C ILE A 227 3.90 8.99 -1.62
N TYR A 228 4.78 9.96 -1.81
CA TYR A 228 5.55 10.11 -3.03
C TYR A 228 7.02 10.28 -2.71
N PRO A 229 7.90 9.84 -3.59
CA PRO A 229 9.34 10.04 -3.38
C PRO A 229 9.74 11.49 -3.59
N GLU A 230 10.96 11.80 -3.22
CA GLU A 230 11.47 13.16 -3.37
C GLU A 230 11.79 13.42 -4.83
N PRO A 231 11.40 14.58 -5.39
CA PRO A 231 11.67 14.86 -6.80
C PRO A 231 13.11 15.23 -7.09
N LYS A 232 13.99 15.26 -6.08
CA LYS A 232 15.39 15.59 -6.31
C LYS A 232 16.30 14.55 -5.68
N TRP A 243 23.11 19.35 4.83
CA TRP A 243 23.26 19.95 6.15
C TRP A 243 23.02 18.93 7.26
N LEU A 244 22.98 19.41 8.49
CA LEU A 244 22.70 18.58 9.66
C LEU A 244 21.38 18.91 10.33
N ALA A 245 21.07 20.20 10.50
CA ALA A 245 19.81 20.57 11.12
C ALA A 245 18.63 20.39 10.18
N VAL A 246 18.85 20.66 8.89
CA VAL A 246 17.77 20.46 7.88
C VAL A 246 17.36 18.98 7.91
N GLN A 247 18.35 18.08 7.93
CA GLN A 247 18.06 16.62 7.97
C GLN A 247 17.23 16.32 9.23
N LEU A 248 17.63 16.86 10.39
CA LEU A 248 16.92 16.54 11.65
C LEU A 248 15.53 17.18 11.62
N LEU A 249 15.42 18.39 11.08
CA LEU A 249 14.09 19.05 10.95
C LEU A 249 13.13 18.07 10.27
N GLN A 250 13.47 17.61 9.05
CA GLN A 250 12.56 16.74 8.33
C GLN A 250 12.41 15.39 9.01
N LYS A 251 13.44 14.96 9.75
CA LYS A 251 13.39 13.66 10.40
C LYS A 251 12.42 13.67 11.58
N THR A 252 12.42 14.75 12.37
CA THR A 252 11.58 14.78 13.56
C THR A 252 10.11 14.89 13.20
N LEU A 253 9.78 15.54 12.07
CA LEU A 253 8.39 15.62 11.65
C LEU A 253 7.84 14.26 11.30
N GLU A 254 8.65 13.39 10.69
CA GLU A 254 8.20 12.05 10.37
C GLU A 254 7.97 11.22 11.64
N ILE A 255 8.84 11.38 12.64
CA ILE A 255 8.68 10.63 13.88
C ILE A 255 7.41 11.05 14.60
N ASN A 256 7.00 12.30 14.43
CA ASN A 256 5.79 12.79 15.09
C ASN A 256 4.55 12.15 14.49
N THR A 257 4.46 12.11 13.16
CA THR A 257 3.25 11.60 12.51
C THR A 257 3.21 10.07 12.48
N GLN A 258 4.37 9.42 12.37
CA GLN A 258 4.39 7.97 12.33
C GLN A 258 4.17 7.35 13.70
N SER A 259 4.40 8.10 14.77
CA SER A 259 4.13 7.61 16.11
C SER A 259 2.74 7.97 16.61
N MET A 260 2.10 8.97 16.00
CA MET A 260 0.76 9.35 16.43
C MET A 260 -0.28 8.33 15.99
N ASP A 261 -0.24 7.93 14.72
CA ASP A 261 -1.13 6.87 14.26
C ASP A 261 -0.78 5.54 14.86
N GLN A 262 0.49 5.33 15.23
CA GLN A 262 0.85 4.14 16.00
C GLN A 262 0.24 4.16 17.39
N LEU A 263 -0.06 5.35 17.93
CA LEU A 263 -0.65 5.45 19.25
C LEU A 263 -2.15 5.20 19.22
N ARG A 264 -2.85 5.75 18.22
CA ARG A 264 -4.29 5.53 18.13
C ARG A 264 -4.61 4.09 17.83
N ASP A 265 -3.71 3.37 17.15
CA ASP A 265 -3.92 1.96 16.89
C ASP A 265 -3.95 1.16 18.20
N ILE A 266 -3.16 1.57 19.19
CA ILE A 266 -3.18 0.90 20.48
C ILE A 266 -4.41 1.30 21.28
N LEU A 267 -4.75 2.59 21.27
CA LEU A 267 -5.87 3.07 22.08
C LEU A 267 -7.20 2.68 21.46
N PHE A 268 -7.45 3.07 20.22
CA PHE A 268 -8.72 2.84 19.55
C PHE A 268 -8.52 1.73 18.52
N LYS A 269 -8.81 0.50 18.93
CA LYS A 269 -8.78 -0.65 18.03
C LYS A 269 -10.15 -1.24 17.76
N ASP A 270 -11.10 -1.09 18.68
CA ASP A 270 -12.44 -1.60 18.50
C ASP A 270 -13.34 -0.64 17.72
N ILE A 271 -12.75 0.34 17.04
CA ILE A 271 -13.48 1.34 16.27
C ILE A 271 -13.16 1.12 14.80
N PRO A 272 -14.15 0.80 13.97
CA PRO A 272 -13.88 0.51 12.56
C PRO A 272 -13.35 1.74 11.83
N THR A 273 -12.20 1.57 11.19
CA THR A 273 -11.54 2.66 10.48
C THR A 273 -11.10 2.18 9.10
N ILE A 274 -11.04 3.12 8.16
CA ILE A 274 -10.57 2.85 6.82
C ILE A 274 -9.70 4.02 6.38
N ARG A 275 -8.44 3.74 6.08
CA ARG A 275 -7.52 4.74 5.56
C ARG A 275 -7.33 4.50 4.07
N ILE A 276 -7.43 5.56 3.28
CA ILE A 276 -7.30 5.48 1.83
C ILE A 276 -6.05 6.27 1.46
N SER A 277 -4.92 5.58 1.36
CA SER A 277 -3.66 6.20 0.96
C SER A 277 -2.76 5.11 0.41
N ASP A 278 -2.20 5.36 -0.77
CA ASP A 278 -1.36 4.40 -1.46
C ASP A 278 0.04 4.97 -1.65
N THR A 279 1.04 4.11 -1.58
CA THR A 279 2.44 4.53 -1.70
C THR A 279 2.91 4.37 -3.13
N PHE A 280 3.59 5.38 -3.65
CA PHE A 280 4.11 5.38 -5.01
C PHE A 280 5.63 5.44 -4.96
N GLU A 281 6.28 4.70 -5.86
CA GLU A 281 7.73 4.55 -5.83
C GLU A 281 8.40 4.80 -7.17
N ARG A 282 7.68 4.78 -8.28
CA ARG A 282 8.30 5.05 -9.57
C ARG A 282 8.80 6.49 -9.61
N PRO A 283 9.93 6.75 -10.29
CA PRO A 283 10.51 8.10 -10.27
C PRO A 283 9.68 9.16 -10.98
N GLU A 284 8.52 8.80 -11.53
CA GLU A 284 7.67 9.77 -12.20
C GLU A 284 6.66 10.41 -11.27
N MET A 285 6.20 9.67 -10.26
CA MET A 285 5.26 10.19 -9.26
C MET A 285 6.00 10.84 -8.10
N ALA A 286 6.89 11.78 -8.40
CA ALA A 286 7.70 12.46 -7.40
C ALA A 286 7.23 13.90 -7.28
N THR A 287 6.61 14.23 -6.16
CA THR A 287 6.04 15.56 -5.95
C THR A 287 6.29 16.01 -4.51
N ASP A 288 5.95 17.27 -4.26
CA ASP A 288 6.04 17.86 -2.93
C ASP A 288 4.90 18.86 -2.79
N LEU A 289 4.99 19.72 -1.77
CA LEU A 289 3.99 20.77 -1.59
C LEU A 289 4.39 22.08 -2.28
N LEU A 290 4.91 21.98 -3.50
CA LEU A 290 5.23 23.16 -4.30
C LEU A 290 4.90 22.94 -5.78
N GLU A 291 4.11 21.93 -6.11
CA GLU A 291 3.82 21.61 -7.50
C GLU A 291 2.80 22.58 -8.08
N TYR A 292 3.09 23.10 -9.27
CA TYR A 292 2.18 23.99 -9.98
C TYR A 292 2.03 23.60 -11.45
N ASN A 293 2.49 22.41 -11.84
CA ASN A 293 2.31 21.92 -13.20
C ASN A 293 0.92 21.33 -13.34
N LEU A 294 0.09 21.93 -14.21
CA LEU A 294 -1.32 21.56 -14.27
C LEU A 294 -1.49 20.13 -14.79
N ASP A 295 -0.65 19.72 -15.75
CA ASP A 295 -0.76 18.37 -16.27
C ASP A 295 -0.29 17.34 -15.23
N LYS A 296 0.80 17.64 -14.52
CA LYS A 296 1.28 16.72 -13.50
C LYS A 296 0.28 16.60 -12.35
N LEU A 297 -0.45 17.67 -12.07
CA LEU A 297 -1.49 17.60 -11.03
C LEU A 297 -2.66 16.74 -11.48
N ASN A 298 -2.92 16.67 -12.78
CA ASN A 298 -4.07 15.92 -13.27
C ASN A 298 -3.91 14.42 -13.02
N THR A 299 -2.71 13.89 -13.22
CA THR A 299 -2.51 12.46 -13.07
C THR A 299 -2.67 12.02 -11.61
N LEU A 300 -2.42 12.93 -10.66
CA LEU A 300 -2.64 12.60 -9.26
C LEU A 300 -4.13 12.45 -8.96
N ARG A 301 -4.98 13.11 -9.73
CA ARG A 301 -6.42 13.06 -9.45
C ARG A 301 -6.99 11.68 -9.72
N GLN A 302 -6.72 11.13 -10.91
CA GLN A 302 -7.22 9.80 -11.23
C GLN A 302 -6.50 8.71 -10.46
N ARG A 303 -5.34 9.01 -9.88
CA ARG A 303 -4.63 8.03 -9.06
C ARG A 303 -5.44 7.66 -7.82
N GLY A 304 -6.21 8.60 -7.28
CA GLY A 304 -7.04 8.30 -6.13
C GLY A 304 -8.34 7.62 -6.48
N ARG A 305 -8.85 7.86 -7.68
CA ARG A 305 -10.12 7.26 -8.07
C ARG A 305 -10.01 5.74 -8.15
N GLU A 306 -8.94 5.23 -8.76
CA GLU A 306 -8.74 3.79 -8.82
C GLU A 306 -8.47 3.22 -7.43
N SER A 307 -7.91 4.01 -6.52
CA SER A 307 -7.72 3.57 -5.15
C SER A 307 -9.05 3.34 -4.44
N PHE A 308 -10.12 3.99 -4.90
CA PHE A 308 -11.45 3.74 -4.36
C PHE A 308 -12.02 2.42 -4.88
N GLY A 309 -11.72 2.07 -6.13
CA GLY A 309 -12.26 0.85 -6.70
C GLY A 309 -11.82 -0.40 -5.96
N ALA A 310 -10.57 -0.42 -5.50
CA ALA A 310 -10.09 -1.55 -4.72
C ALA A 310 -10.76 -1.63 -3.36
N ARG A 311 -11.31 -0.52 -2.86
CA ARG A 311 -11.93 -0.47 -1.54
C ARG A 311 -13.41 -0.15 -1.60
N GLU A 312 -14.04 -0.21 -2.78
CA GLU A 312 -15.46 0.12 -2.88
C GLU A 312 -16.33 -0.91 -2.18
N ALA A 313 -15.87 -2.16 -2.11
CA ALA A 313 -16.68 -3.21 -1.50
C ALA A 313 -16.78 -3.07 0.01
N GLN A 314 -15.81 -2.42 0.65
CA GLN A 314 -15.83 -2.24 2.09
C GLN A 314 -16.34 -0.89 2.53
N LEU A 315 -16.27 0.13 1.67
CA LEU A 315 -16.85 1.43 2.01
C LEU A 315 -18.37 1.38 2.01
N ARG A 316 -18.96 0.60 1.11
CA ARG A 316 -20.41 0.47 1.06
C ARG A 316 -20.98 -0.19 2.31
N GLU A 317 -20.14 -0.85 3.10
CA GLU A 317 -20.62 -1.47 4.33
C GLU A 317 -20.88 -0.46 5.43
N PHE A 318 -20.04 0.59 5.51
CA PHE A 318 -20.25 1.62 6.51
C PHE A 318 -21.34 2.60 6.10
N LEU A 319 -21.11 3.34 5.03
CA LEU A 319 -22.06 4.31 4.52
C LEU A 319 -22.77 3.71 3.30
N ILE A 320 -24.09 3.57 3.41
CA ILE A 320 -24.87 2.94 2.35
C ILE A 320 -25.01 3.87 1.16
N GLU B 13 4.01 -1.10 51.75
CA GLU B 13 3.30 -1.57 52.92
C GLU B 13 2.62 -2.91 52.66
N TYR B 14 1.29 -2.90 52.59
CA TYR B 14 0.54 -4.11 52.32
C TYR B 14 0.84 -4.62 50.91
N GLY B 15 0.55 -5.90 50.69
CA GLY B 15 0.86 -6.55 49.43
C GLY B 15 0.07 -6.02 48.25
N ASN B 16 -1.24 -6.24 48.25
CA ASN B 16 -2.08 -5.90 47.11
C ASN B 16 -3.33 -5.17 47.59
N ASP B 17 -3.73 -4.14 46.82
CA ASP B 17 -4.95 -3.40 47.11
C ASP B 17 -5.75 -3.12 45.85
N ASN B 18 -5.47 -3.83 44.76
CA ASN B 18 -6.18 -3.65 43.48
C ASN B 18 -6.01 -2.23 42.94
N ILE B 19 -4.85 -1.64 43.16
CA ILE B 19 -4.54 -0.29 42.67
C ILE B 19 -3.26 -0.38 41.85
N CYS B 20 -3.30 0.18 40.65
CA CYS B 20 -2.18 0.12 39.72
C CYS B 20 -1.48 1.48 39.73
N ARG B 21 -0.53 1.64 40.64
CA ARG B 21 0.23 2.88 40.76
C ARG B 21 1.40 2.85 39.80
N VAL B 22 1.39 3.75 38.82
CA VAL B 22 2.45 3.83 37.85
C VAL B 22 3.41 4.95 38.23
N LEU B 23 4.56 4.99 37.58
CA LEU B 23 5.59 5.99 37.89
C LEU B 23 6.30 6.33 36.59
N ALA B 24 5.86 7.39 35.93
CA ALA B 24 6.45 7.84 34.68
C ALA B 24 7.49 8.91 34.98
N LEU B 25 8.74 8.66 34.58
CA LEU B 25 9.84 9.57 34.85
C LEU B 25 10.26 10.25 33.55
N ASP B 26 10.37 11.57 33.58
CA ASP B 26 10.88 12.33 32.45
C ASP B 26 12.40 12.22 32.43
N GLY B 27 13.05 13.02 31.60
CA GLY B 27 14.50 13.00 31.59
C GLY B 27 15.16 13.89 30.57
N GLY B 28 16.35 14.37 30.89
CA GLY B 28 17.19 15.09 29.96
C GLY B 28 18.48 15.57 30.59
N GLY B 29 19.60 15.35 29.91
CA GLY B 29 20.92 15.81 30.34
C GLY B 29 21.25 15.42 31.76
N ALA B 30 22.13 16.20 32.38
CA ALA B 30 22.57 15.97 33.74
C ALA B 30 21.59 16.47 34.78
N LYS B 31 20.46 17.03 34.37
CA LYS B 31 19.46 17.59 35.27
C LYS B 31 18.69 16.54 36.05
N GLY B 32 19.08 15.27 35.98
CA GLY B 32 18.37 14.23 36.70
C GLY B 32 18.51 14.27 38.20
N PHE B 33 19.30 15.19 38.74
CA PHE B 33 19.40 15.30 40.19
C PHE B 33 18.08 15.74 40.81
N TYR B 34 17.25 16.46 40.06
CA TYR B 34 15.95 16.91 40.57
C TYR B 34 15.10 15.73 40.98
N THR B 35 14.85 14.80 40.05
CA THR B 35 14.04 13.63 40.36
C THR B 35 14.70 12.74 41.41
N LEU B 36 16.01 12.86 41.58
CA LEU B 36 16.66 12.12 42.67
C LEU B 36 16.26 12.67 44.02
N GLY B 37 16.22 14.00 44.16
CA GLY B 37 15.78 14.58 45.41
C GLY B 37 14.31 14.33 45.68
N VAL B 38 13.48 14.39 44.64
CA VAL B 38 12.06 14.11 44.80
C VAL B 38 11.85 12.67 45.23
N LEU B 39 12.59 11.75 44.59
CA LEU B 39 12.48 10.34 44.96
C LEU B 39 13.14 10.04 46.30
N LYS B 40 14.09 10.86 46.73
CA LYS B 40 14.74 10.63 48.01
C LYS B 40 13.78 10.90 49.17
N GLU B 41 12.93 11.92 49.04
CA GLU B 41 11.92 12.17 50.04
C GLU B 41 10.89 11.05 50.07
N ILE B 42 10.53 10.53 48.89
CA ILE B 42 9.76 9.30 48.84
C ILE B 42 10.65 8.14 49.29
N GLU B 43 10.00 7.00 49.60
CA GLU B 43 10.66 5.80 50.12
C GLU B 43 11.07 6.02 51.57
N ALA B 44 10.90 7.24 52.07
CA ALA B 44 11.16 7.56 53.47
C ALA B 44 9.87 7.56 54.28
N MET B 45 8.81 8.17 53.74
CA MET B 45 7.50 8.13 54.40
C MET B 45 6.88 6.74 54.35
N LEU B 46 7.35 5.88 53.44
CA LEU B 46 6.83 4.52 53.33
C LEU B 46 7.61 3.53 54.19
N GLY B 47 8.94 3.52 54.05
CA GLY B 47 9.77 2.56 54.73
C GLY B 47 10.10 1.32 53.94
N CYS B 48 9.54 1.17 52.75
CA CYS B 48 9.80 0.04 51.86
C CYS B 48 10.40 0.55 50.55
N PRO B 49 11.20 -0.27 49.87
CA PRO B 49 11.80 0.17 48.61
C PRO B 49 10.75 0.50 47.56
N LEU B 50 11.16 1.28 46.57
CA LEU B 50 10.22 1.77 45.56
C LEU B 50 9.63 0.65 44.73
N TYR B 51 10.38 -0.42 44.48
CA TYR B 51 9.88 -1.51 43.66
C TYR B 51 8.81 -2.35 44.37
N LYS B 52 8.42 -1.97 45.58
CA LYS B 52 7.41 -2.72 46.33
C LYS B 52 6.06 -2.01 46.40
N ARG B 53 6.02 -0.70 46.19
CA ARG B 53 4.80 0.10 46.19
C ARG B 53 4.55 0.68 44.80
N PHE B 54 4.89 -0.08 43.77
CA PHE B 54 4.68 0.36 42.40
C PHE B 54 4.49 -0.86 41.51
N ASP B 55 3.66 -0.71 40.48
CA ASP B 55 3.35 -1.79 39.55
C ASP B 55 3.83 -1.52 38.13
N LEU B 56 4.38 -0.34 37.86
CA LEU B 56 4.86 -0.02 36.52
C LEU B 56 5.79 1.18 36.61
N VAL B 57 6.86 1.16 35.81
CA VAL B 57 7.87 2.21 35.81
C VAL B 57 8.31 2.45 34.37
N PHE B 58 8.12 3.67 33.87
CA PHE B 58 8.55 4.05 32.54
C PHE B 58 9.58 5.18 32.64
N GLY B 59 10.47 5.24 31.66
CA GLY B 59 11.47 6.30 31.62
C GLY B 59 12.11 6.42 30.25
N THR B 60 12.34 7.65 29.79
CA THR B 60 12.80 7.87 28.42
C THR B 60 14.32 8.03 28.31
N SER B 61 14.90 9.06 28.94
CA SER B 61 16.32 9.34 28.77
C SER B 61 17.09 9.23 30.09
N THR B 62 16.75 10.05 31.08
CA THR B 62 17.38 9.97 32.39
C THR B 62 16.62 9.08 33.34
N GLY B 63 15.29 9.16 33.33
CA GLY B 63 14.49 8.23 34.11
C GLY B 63 14.70 6.79 33.72
N ALA B 64 15.11 6.53 32.48
CA ALA B 64 15.41 5.16 32.06
C ALA B 64 16.51 4.56 32.93
N ILE B 65 17.59 5.31 33.13
CA ILE B 65 18.65 4.88 34.05
C ILE B 65 18.07 4.66 35.43
N ILE B 66 17.23 5.59 35.88
CA ILE B 66 16.60 5.44 37.19
C ILE B 66 15.55 4.33 37.16
N ALA B 67 14.96 4.06 35.99
CA ALA B 67 13.94 3.02 35.89
C ALA B 67 14.53 1.64 36.14
N ALA B 68 15.68 1.36 35.51
CA ALA B 68 16.30 0.05 35.66
C ALA B 68 16.76 -0.17 37.10
N LEU B 69 17.51 0.79 37.65
CA LEU B 69 18.12 0.61 38.97
C LEU B 69 17.06 0.35 40.05
N ILE B 70 15.92 1.02 39.97
CA ILE B 70 14.85 0.75 40.92
C ILE B 70 14.23 -0.62 40.66
N ALA B 71 14.14 -1.01 39.39
CA ALA B 71 13.41 -2.22 39.03
C ALA B 71 14.20 -3.50 39.29
N LEU B 72 15.51 -3.42 39.49
CA LEU B 72 16.33 -4.60 39.65
C LEU B 72 17.12 -4.63 40.96
N GLY B 73 16.88 -3.69 41.87
CA GLY B 73 17.72 -3.65 43.05
C GLY B 73 17.80 -2.34 43.81
N TYR B 74 19.03 -1.86 43.97
CA TYR B 74 19.39 -0.84 44.95
C TYR B 74 18.45 0.36 44.91
N GLU B 75 18.31 1.01 46.06
CA GLU B 75 17.41 2.13 46.26
C GLU B 75 18.11 3.45 45.95
N VAL B 76 17.47 4.56 46.32
CA VAL B 76 17.96 5.88 45.93
C VAL B 76 19.30 6.19 46.57
N ASP B 77 19.60 5.60 47.73
CA ASP B 77 20.86 5.88 48.41
C ASP B 77 22.05 5.50 47.53
N GLN B 78 21.93 4.35 46.85
CA GLN B 78 23.05 3.85 46.02
C GLN B 78 23.01 4.52 44.63
N ILE B 79 21.81 4.89 44.16
CA ILE B 79 21.70 5.50 42.84
C ILE B 79 22.39 6.86 42.82
N HIS B 80 22.19 7.66 43.85
CA HIS B 80 22.88 8.95 43.93
C HIS B 80 24.38 8.76 44.08
N ALA B 81 24.81 7.68 44.74
CA ALA B 81 26.24 7.40 44.85
C ALA B 81 26.84 7.11 43.49
N LEU B 82 26.21 6.21 42.73
CA LEU B 82 26.68 5.93 41.38
C LEU B 82 26.56 7.12 40.46
N TYR B 83 25.69 8.07 40.78
CA TYR B 83 25.46 9.23 39.93
C TYR B 83 26.43 10.36 40.21
N THR B 84 26.91 10.49 41.45
CA THR B 84 27.78 11.60 41.81
C THR B 84 29.25 11.34 41.49
N GLU B 85 29.61 10.11 41.12
CA GLU B 85 30.99 9.77 40.83
C GLU B 85 31.30 9.76 39.34
N HIS B 86 30.52 9.02 38.56
CA HIS B 86 30.83 8.81 37.15
C HIS B 86 30.25 9.89 36.25
N VAL B 87 29.07 10.40 36.56
CA VAL B 87 28.42 11.40 35.70
C VAL B 87 29.30 12.63 35.47
N PRO B 88 29.96 13.21 36.49
CA PRO B 88 30.84 14.36 36.23
C PRO B 88 31.97 14.08 35.26
N ARG B 89 32.18 12.83 34.86
CA ARG B 89 33.29 12.48 33.96
C ARG B 89 32.87 12.35 32.51
N VAL B 90 31.77 11.64 32.24
CA VAL B 90 31.37 11.41 30.84
C VAL B 90 30.97 12.71 30.17
N MET B 91 30.43 13.67 30.93
CA MET B 91 30.11 14.98 30.38
C MET B 91 31.35 15.82 30.11
N SER B 92 32.49 15.45 30.68
CA SER B 92 33.74 16.18 30.48
C SER B 92 34.53 15.62 29.29
N SER B 93 33.88 15.55 28.14
CA SER B 93 34.50 15.05 26.92
C SER B 93 34.12 15.96 25.77
N ARG B 94 35.13 16.47 25.06
CA ARG B 94 34.87 17.45 24.01
C ARG B 94 34.37 16.80 22.74
N SER B 95 34.88 15.61 22.40
CA SER B 95 34.48 14.94 21.17
C SER B 95 33.20 14.13 21.39
N ALA B 96 32.43 13.96 20.32
CA ALA B 96 31.16 13.24 20.42
C ALA B 96 31.39 11.74 20.57
N ALA B 97 32.44 11.21 19.96
CA ALA B 97 32.69 9.78 20.01
C ALA B 97 33.17 9.33 21.38
N ALA B 98 33.92 10.19 22.08
CA ALA B 98 34.44 9.81 23.39
C ALA B 98 33.34 9.65 24.41
N ARG B 99 32.28 10.46 24.32
CA ARG B 99 31.17 10.34 25.25
C ARG B 99 30.44 9.01 25.10
N THR B 100 30.45 8.44 23.89
CA THR B 100 29.79 7.15 23.69
C THR B 100 30.61 6.01 24.28
N MET B 101 31.93 6.04 24.13
CA MET B 101 32.77 4.98 24.67
C MET B 101 32.73 4.98 26.19
N ALA B 102 32.83 6.17 26.80
CA ALA B 102 32.79 6.26 28.26
C ALA B 102 31.41 5.84 28.79
N LEU B 103 30.35 6.22 28.08
CA LEU B 103 29.02 5.79 28.49
C LEU B 103 28.86 4.29 28.38
N GLN B 104 29.48 3.68 27.37
CA GLN B 104 29.47 2.22 27.27
C GLN B 104 30.30 1.59 28.38
N ASP B 105 31.37 2.26 28.80
CA ASP B 105 32.16 1.76 29.92
C ASP B 105 31.35 1.77 31.21
N LEU B 106 30.60 2.85 31.45
CA LEU B 106 29.76 2.92 32.64
C LEU B 106 28.70 1.83 32.64
N ALA B 107 28.22 1.44 31.45
CA ALA B 107 27.17 0.44 31.36
C ALA B 107 27.65 -0.90 31.88
N LYS B 108 28.84 -1.34 31.48
CA LYS B 108 29.34 -2.63 31.90
C LYS B 108 29.81 -2.64 33.35
N GLU B 109 29.83 -1.50 34.02
CA GLU B 109 30.24 -1.46 35.43
C GLU B 109 29.11 -1.95 36.33
N VAL B 110 27.98 -1.26 36.32
CA VAL B 110 26.85 -1.64 37.16
C VAL B 110 25.95 -2.65 36.47
N PHE B 111 25.77 -2.55 35.16
CA PHE B 111 25.05 -3.55 34.37
C PHE B 111 26.09 -4.47 33.74
N GLN B 112 26.57 -5.44 34.52
CA GLN B 112 27.63 -6.32 34.02
C GLN B 112 27.06 -7.33 33.01
N ASP B 113 26.19 -8.21 33.48
CA ASP B 113 25.66 -9.27 32.61
C ASP B 113 24.17 -9.51 32.82
N LYS B 114 23.44 -8.61 33.47
CA LYS B 114 22.02 -8.81 33.72
C LYS B 114 21.21 -8.49 32.49
N THR B 115 20.06 -9.16 32.36
CA THR B 115 19.18 -8.96 31.22
C THR B 115 17.78 -8.64 31.75
N PHE B 116 16.78 -8.60 30.88
CA PHE B 116 15.43 -8.26 31.29
C PHE B 116 14.70 -9.42 31.96
N GLU B 117 15.40 -10.47 32.37
CA GLU B 117 14.77 -11.62 32.99
C GLU B 117 14.75 -11.55 34.51
N ASP B 118 15.71 -10.88 35.13
CA ASP B 118 15.80 -10.79 36.58
C ASP B 118 15.32 -9.45 37.12
N VAL B 119 14.29 -8.88 36.50
CA VAL B 119 13.70 -7.63 36.95
C VAL B 119 12.49 -7.95 37.82
N LEU B 120 12.37 -7.22 38.93
CA LEU B 120 11.35 -7.54 39.95
C LEU B 120 10.02 -6.83 39.74
N MET B 121 9.92 -5.92 38.78
CA MET B 121 8.68 -5.19 38.55
C MET B 121 8.55 -4.85 37.08
N GLY B 122 7.34 -4.45 36.69
CA GLY B 122 7.07 -4.05 35.33
C GLY B 122 7.86 -2.82 34.92
N ILE B 123 8.65 -2.93 33.86
CA ILE B 123 9.50 -1.86 33.41
C ILE B 123 9.25 -1.61 31.92
N GLY B 124 9.52 -0.38 31.50
CA GLY B 124 9.43 -0.02 30.10
C GLY B 124 10.38 1.10 29.74
N ILE B 125 11.20 0.89 28.72
CA ILE B 125 12.16 1.88 28.26
C ILE B 125 11.73 2.37 26.88
N VAL B 126 12.00 3.64 26.60
CA VAL B 126 11.53 4.29 25.39
C VAL B 126 12.75 4.65 24.52
N ALA B 127 12.71 4.24 23.26
CA ALA B 127 13.70 4.63 22.28
C ALA B 127 13.10 4.48 20.89
N THR B 128 13.23 5.52 20.07
CA THR B 128 12.62 5.53 18.75
C THR B 128 13.60 5.03 17.70
N ARG B 129 13.08 4.30 16.72
CA ARG B 129 13.92 3.75 15.66
C ARG B 129 14.35 4.84 14.70
N TRP B 130 15.42 4.55 13.96
CA TRP B 130 15.96 5.49 12.99
C TRP B 130 15.46 5.25 11.58
N MET B 131 15.02 4.02 11.27
CA MET B 131 14.53 3.68 9.94
C MET B 131 13.01 3.72 9.88
N THR B 132 12.34 2.94 10.73
CA THR B 132 10.88 2.91 10.73
C THR B 132 10.29 4.19 11.33
N GLU B 133 11.05 4.90 12.17
CA GLU B 133 10.63 6.18 12.73
C GLU B 133 9.38 6.04 13.61
N ARG B 134 9.46 5.14 14.58
CA ARG B 134 8.41 4.98 15.58
C ARG B 134 9.03 4.35 16.81
N PRO B 135 8.42 4.54 17.99
CA PRO B 135 9.08 4.11 19.23
C PRO B 135 9.31 2.60 19.27
N MET B 136 10.34 2.22 20.02
CA MET B 136 10.64 0.83 20.34
C MET B 136 10.69 0.69 21.85
N ILE B 137 9.76 -0.07 22.41
CA ILE B 137 9.51 -0.08 23.85
C ILE B 137 9.90 -1.45 24.39
N PHE B 138 10.95 -1.49 25.22
CA PHE B 138 11.38 -2.72 25.86
C PHE B 138 10.48 -3.02 27.04
N LYS B 139 9.97 -4.25 27.12
CA LYS B 139 9.11 -4.69 28.20
C LYS B 139 9.73 -5.90 28.88
N GLY B 140 9.10 -6.36 29.95
CA GLY B 140 9.66 -7.45 30.71
C GLY B 140 8.65 -8.43 31.29
N ASN B 141 7.43 -8.43 30.77
CA ASN B 141 6.41 -9.36 31.24
C ASN B 141 5.67 -9.94 30.05
N VAL B 142 5.08 -11.11 30.25
CA VAL B 142 4.37 -11.79 29.17
C VAL B 142 3.13 -11.02 28.77
N VAL B 143 2.37 -10.52 29.74
CA VAL B 143 1.19 -9.70 29.44
C VAL B 143 1.57 -8.22 29.55
N GLN B 144 2.31 -7.74 28.55
CA GLN B 144 2.66 -6.33 28.48
C GLN B 144 2.50 -5.75 27.08
N ALA B 145 2.35 -6.55 26.05
CA ALA B 145 2.17 -6.09 24.69
C ALA B 145 0.72 -6.24 24.28
N HIS B 146 0.32 -5.43 23.30
CA HIS B 146 -1.08 -5.41 22.87
C HIS B 146 -1.34 -6.28 21.65
N GLY B 147 -0.33 -6.53 20.83
CA GLY B 147 -0.49 -7.34 19.65
C GLY B 147 0.80 -8.06 19.31
N ARG B 148 0.72 -8.89 18.26
CA ARG B 148 1.87 -9.65 17.78
C ARG B 148 2.45 -10.53 18.87
N LYS B 149 1.57 -11.14 19.67
CA LYS B 149 2.02 -12.10 20.66
C LYS B 149 2.63 -13.32 19.97
N GLY B 150 3.49 -14.02 20.69
CA GLY B 150 4.34 -14.97 19.99
C GLY B 150 5.56 -14.30 19.41
N THR B 151 6.66 -15.04 19.36
CA THR B 151 7.98 -14.48 19.05
C THR B 151 8.28 -13.30 19.98
N PHE B 152 7.80 -13.40 21.21
CA PHE B 152 7.92 -12.33 22.20
C PHE B 152 9.02 -12.72 23.18
N SER B 153 10.21 -12.14 23.00
CA SER B 153 11.32 -12.36 23.90
C SER B 153 11.47 -11.15 24.81
N PRO B 154 11.40 -11.32 26.13
CA PRO B 154 11.47 -10.17 27.04
C PRO B 154 12.70 -9.30 26.84
N GLY B 155 12.48 -8.02 26.56
CA GLY B 155 13.58 -7.11 26.32
C GLY B 155 14.31 -7.36 25.02
N PHE B 156 13.67 -8.01 24.05
CA PHE B 156 14.26 -8.36 22.76
C PHE B 156 15.52 -9.21 22.93
N GLY B 157 15.66 -9.90 24.06
CA GLY B 157 16.86 -10.67 24.33
C GLY B 157 18.12 -9.87 24.46
N VAL B 158 18.02 -8.56 24.62
CA VAL B 158 19.19 -7.69 24.72
C VAL B 158 19.46 -7.38 26.18
N SER B 159 20.74 -7.24 26.51
CA SER B 159 21.14 -6.94 27.88
C SER B 159 20.69 -5.53 28.27
N ILE B 160 20.49 -5.33 29.58
CA ILE B 160 20.09 -4.02 30.07
C ILE B 160 21.18 -2.99 29.83
N ALA B 161 22.44 -3.43 29.80
CA ALA B 161 23.55 -2.48 29.61
C ALA B 161 23.47 -1.81 28.25
N ASP B 162 22.98 -2.50 27.23
CA ASP B 162 22.87 -1.92 25.90
C ASP B 162 21.49 -1.33 25.63
N ALA B 163 20.46 -1.84 26.30
CA ALA B 163 19.13 -1.27 26.12
C ALA B 163 19.05 0.14 26.69
N VAL B 164 19.71 0.38 27.82
CA VAL B 164 19.66 1.71 28.43
C VAL B 164 20.57 2.67 27.68
N GLN B 165 21.71 2.19 27.18
CA GLN B 165 22.62 3.07 26.44
C GLN B 165 21.96 3.59 25.17
N ALA B 166 21.14 2.77 24.52
CA ALA B 166 20.43 3.23 23.33
C ALA B 166 19.43 4.33 23.67
N SER B 167 18.71 4.17 24.78
CA SER B 167 17.72 5.14 25.22
C SER B 167 18.34 6.46 25.68
N CYS B 168 19.67 6.57 25.71
CA CYS B 168 20.35 7.78 26.15
C CYS B 168 21.22 8.38 25.05
N SER B 169 20.90 8.12 23.78
CA SER B 169 21.75 8.52 22.66
C SER B 169 21.13 9.72 21.97
N ALA B 170 21.56 10.92 22.38
CA ALA B 170 21.18 12.15 21.69
C ALA B 170 22.04 12.29 20.45
N TYR B 171 21.43 12.11 19.28
CA TYR B 171 22.21 12.03 18.03
C TYR B 171 23.13 13.22 17.79
N PRO B 172 22.74 14.48 18.00
CA PRO B 172 23.70 15.58 17.77
C PRO B 172 24.88 15.57 18.72
N PHE B 173 24.78 14.84 19.84
CA PHE B 173 25.86 14.77 20.82
C PHE B 173 26.46 13.38 20.96
N PHE B 174 25.62 12.35 21.01
CA PHE B 174 26.08 10.98 21.10
C PHE B 174 26.02 10.33 19.72
N GLU B 175 26.28 9.03 19.65
CA GLU B 175 26.23 8.30 18.40
C GLU B 175 25.10 7.28 18.44
N ARG B 176 24.51 7.02 17.28
CA ARG B 176 23.36 6.13 17.17
C ARG B 176 23.78 4.72 17.53
N LYS B 177 23.29 4.21 18.66
CA LYS B 177 23.63 2.88 19.10
C LYS B 177 22.97 1.82 18.21
N VAL B 178 23.75 0.81 17.83
CA VAL B 178 23.28 -0.27 16.98
C VAL B 178 23.13 -1.52 17.85
N ILE B 179 21.92 -2.07 17.89
CA ILE B 179 21.58 -3.18 18.76
C ILE B 179 21.29 -4.41 17.89
N VAL B 180 21.81 -5.56 18.31
CA VAL B 180 21.58 -6.83 17.62
C VAL B 180 20.62 -7.63 18.48
N THR B 181 19.36 -7.72 18.04
CA THR B 181 18.34 -8.47 18.77
C THR B 181 18.70 -9.95 18.79
N ALA B 182 18.18 -10.67 19.79
CA ALA B 182 18.41 -12.09 19.89
C ALA B 182 17.92 -12.86 18.65
N ALA B 183 17.01 -12.27 17.88
CA ALA B 183 16.59 -12.92 16.63
C ALA B 183 17.71 -12.88 15.59
N GLY B 184 18.45 -11.78 15.53
CA GLY B 184 19.58 -11.71 14.63
C GLY B 184 19.61 -10.48 13.75
N ASP B 185 18.60 -9.63 13.88
CA ASP B 185 18.49 -8.42 13.06
C ASP B 185 19.02 -7.22 13.82
N LYS B 186 19.92 -6.47 13.18
CA LYS B 186 20.51 -5.30 13.79
C LYS B 186 19.55 -4.11 13.68
N VAL B 187 19.27 -3.47 14.83
CA VAL B 187 18.36 -2.34 14.90
C VAL B 187 19.17 -1.10 15.26
N GLU B 188 18.94 -0.01 14.54
CA GLU B 188 19.60 1.26 14.79
C GLU B 188 18.64 2.18 15.52
N LEU B 189 18.95 2.50 16.77
CA LEU B 189 18.07 3.28 17.63
C LEU B 189 18.72 4.61 18.00
N ILE B 190 17.88 5.53 18.48
CA ILE B 190 18.34 6.76 19.09
C ILE B 190 17.57 6.96 20.39
N ASP B 191 17.79 8.08 21.07
CA ASP B 191 17.16 8.32 22.36
C ASP B 191 15.65 8.35 22.24
N GLY B 192 14.97 8.16 23.37
CA GLY B 192 13.52 8.15 23.40
C GLY B 192 12.93 9.52 23.60
N GLY B 193 13.75 10.56 23.45
CA GLY B 193 13.28 11.92 23.62
C GLY B 193 12.77 12.53 22.33
N TYR B 194 13.22 11.98 21.19
CA TYR B 194 12.79 12.48 19.90
C TYR B 194 11.35 12.09 19.58
N CYS B 195 10.80 11.09 20.26
CA CYS B 195 9.44 10.65 20.03
C CYS B 195 8.49 11.07 21.15
N ALA B 196 8.87 10.83 22.40
CA ALA B 196 8.02 11.16 23.54
C ALA B 196 8.91 11.41 24.75
N ASN B 197 9.13 12.68 25.06
CA ASN B 197 9.92 13.08 26.22
C ASN B 197 9.14 12.95 27.53
N ASN B 198 7.98 12.33 27.51
CA ASN B 198 7.15 12.17 28.70
C ASN B 198 6.36 10.89 28.55
N PRO B 199 6.78 9.81 29.22
CA PRO B 199 6.10 8.52 29.06
C PRO B 199 4.79 8.43 29.84
N THR B 200 4.27 9.56 30.31
CA THR B 200 3.02 9.54 31.07
C THR B 200 1.87 8.99 30.24
N LEU B 201 1.74 9.44 28.99
CA LEU B 201 0.66 8.96 28.15
C LEU B 201 0.84 7.49 27.78
N PHE B 202 2.08 7.09 27.51
CA PHE B 202 2.34 5.69 27.18
C PHE B 202 2.01 4.77 28.35
N ALA B 203 2.22 5.25 29.58
CA ALA B 203 1.89 4.42 30.75
C ALA B 203 0.39 4.18 30.86
N ILE B 204 -0.42 5.13 30.43
CA ILE B 204 -1.87 4.94 30.47
C ILE B 204 -2.32 4.00 29.37
N ALA B 205 -1.69 4.08 28.19
CA ALA B 205 -2.06 3.19 27.09
C ALA B 205 -1.71 1.74 27.42
N ASP B 206 -0.64 1.51 28.16
CA ASP B 206 -0.24 0.15 28.53
C ASP B 206 -0.97 -0.35 29.77
N ALA B 207 -1.35 0.55 30.67
CA ALA B 207 -2.03 0.14 31.89
C ALA B 207 -3.52 -0.07 31.71
N THR B 208 -4.11 0.51 30.66
CA THR B 208 -5.56 0.41 30.47
C THR B 208 -5.94 -0.53 29.32
N VAL B 209 -5.27 -0.42 28.18
CA VAL B 209 -5.61 -1.30 27.06
C VAL B 209 -5.03 -2.70 27.25
N ALA B 210 -3.84 -2.81 27.84
CA ALA B 210 -3.19 -4.12 27.98
C ALA B 210 -3.58 -4.79 29.30
N LEU B 211 -3.32 -4.12 30.42
CA LEU B 211 -3.63 -4.70 31.72
C LEU B 211 -5.12 -4.73 32.03
N LYS B 212 -5.94 -4.04 31.25
CA LYS B 212 -7.39 -4.01 31.42
C LYS B 212 -7.77 -3.54 32.83
N LYS B 213 -7.39 -2.30 33.13
CA LYS B 213 -7.74 -1.67 34.39
C LYS B 213 -8.78 -0.59 34.18
N ASP B 214 -9.60 -0.36 35.21
CA ASP B 214 -10.69 0.60 35.13
C ASP B 214 -10.13 2.03 35.08
N HIS B 215 -11.03 2.98 34.88
CA HIS B 215 -10.63 4.38 34.79
C HIS B 215 -10.47 5.04 36.15
N LYS B 216 -11.01 4.46 37.22
CA LYS B 216 -10.65 4.88 38.57
C LYS B 216 -10.10 3.65 39.28
N ASP B 217 -8.87 3.30 38.92
CA ASP B 217 -8.09 2.31 39.64
C ASP B 217 -6.62 2.66 39.73
N ILE B 218 -6.14 3.61 38.93
CA ILE B 218 -4.71 3.86 38.78
C ILE B 218 -4.40 5.26 39.28
N ARG B 219 -3.15 5.44 39.75
CA ARG B 219 -2.64 6.71 40.20
C ARG B 219 -1.34 6.97 39.46
N VAL B 220 -1.19 8.16 38.89
CA VAL B 220 -0.08 8.47 38.01
C VAL B 220 0.76 9.56 38.67
N ILE B 221 1.90 9.18 39.22
CA ILE B 221 2.83 10.12 39.83
C ILE B 221 3.91 10.37 38.79
N ASN B 222 3.69 11.39 37.96
CA ASN B 222 4.65 11.78 36.94
C ASN B 222 5.65 12.75 37.56
N VAL B 223 6.93 12.37 37.55
CA VAL B 223 8.00 13.17 38.12
C VAL B 223 8.84 13.71 36.97
N GLY B 224 8.99 15.03 36.91
CA GLY B 224 9.75 15.68 35.87
C GLY B 224 11.16 16.03 36.32
N VAL B 225 11.71 17.07 35.71
CA VAL B 225 13.04 17.55 36.08
C VAL B 225 12.99 19.06 36.30
N GLY B 226 11.86 19.67 35.94
CA GLY B 226 11.71 21.10 36.07
C GLY B 226 12.21 21.85 34.85
N ILE B 227 11.71 23.07 34.68
CA ILE B 227 12.07 23.92 33.54
C ILE B 227 13.00 25.02 34.04
N TYR B 228 14.10 25.21 33.33
CA TYR B 228 15.12 26.18 33.71
C TYR B 228 15.42 27.08 32.53
N PRO B 229 15.86 28.32 32.77
CA PRO B 229 16.21 29.22 31.67
C PRO B 229 17.43 28.76 30.90
N GLU B 230 17.83 29.53 29.89
CA GLU B 230 18.97 29.22 29.04
C GLU B 230 20.11 30.20 29.29
N PRO B 231 21.37 29.72 29.28
CA PRO B 231 22.53 30.59 29.49
C PRO B 231 22.68 31.65 28.40
N TRP B 243 21.22 31.68 11.07
CA TRP B 243 20.67 30.40 10.64
C TRP B 243 19.34 30.14 11.34
N LEU B 244 18.35 29.70 10.56
CA LEU B 244 16.99 29.54 11.05
C LEU B 244 16.62 28.09 11.38
N ALA B 245 17.43 27.12 10.98
CA ALA B 245 17.08 25.73 11.23
C ALA B 245 17.33 25.29 12.66
N VAL B 246 18.32 25.92 13.31
CA VAL B 246 18.68 25.61 14.74
C VAL B 246 17.41 25.90 15.55
N GLN B 247 16.92 27.14 15.51
CA GLN B 247 15.67 27.49 16.23
C GLN B 247 14.46 27.22 15.31
N LEU B 248 14.51 26.18 14.47
CA LEU B 248 13.28 25.78 13.71
C LEU B 248 13.19 24.29 14.02
N LEU B 249 13.92 23.87 15.02
CA LEU B 249 14.17 22.46 15.42
C LEU B 249 13.88 22.28 16.92
N GLN B 250 14.37 23.21 17.75
CA GLN B 250 14.07 23.11 19.20
C GLN B 250 12.55 23.31 19.36
N LYS B 251 11.97 24.20 18.57
CA LYS B 251 10.52 24.50 18.67
C LYS B 251 9.71 23.23 18.34
N THR B 252 10.00 22.53 17.25
CA THR B 252 9.17 21.36 17.00
C THR B 252 9.34 20.29 18.08
N LEU B 253 10.51 20.24 18.73
CA LEU B 253 10.70 19.24 19.78
C LEU B 253 9.83 19.51 21.00
N GLU B 254 9.52 20.78 21.28
CA GLU B 254 8.67 21.08 22.43
C GLU B 254 7.18 21.12 22.08
N ILE B 255 6.84 21.36 20.81
CA ILE B 255 5.44 21.27 20.39
C ILE B 255 4.93 19.85 20.60
N ASN B 256 5.75 18.86 20.27
CA ASN B 256 5.37 17.47 20.52
C ASN B 256 5.24 17.19 22.01
N THR B 257 6.03 17.88 22.84
CA THR B 257 5.94 17.66 24.28
C THR B 257 4.68 18.27 24.86
N GLN B 258 4.27 19.44 24.36
CA GLN B 258 3.09 20.11 24.88
C GLN B 258 1.81 19.53 24.30
N SER B 259 1.83 19.18 23.01
CA SER B 259 0.64 18.62 22.38
C SER B 259 0.29 17.27 22.97
N MET B 260 1.30 16.46 23.32
CA MET B 260 1.03 15.18 23.94
C MET B 260 0.55 15.32 25.38
N ASP B 261 0.93 16.42 26.03
CA ASP B 261 0.46 16.66 27.39
C ASP B 261 -1.02 17.04 27.40
N GLN B 262 -1.41 17.91 26.48
CA GLN B 262 -2.81 18.33 26.42
C GLN B 262 -3.72 17.18 26.01
N LEU B 263 -3.24 16.31 25.11
CA LEU B 263 -4.05 15.19 24.66
C LEU B 263 -4.35 14.22 25.80
N ARG B 264 -3.45 14.11 26.77
CA ARG B 264 -3.70 13.25 27.91
C ARG B 264 -4.82 13.80 28.79
N ASP B 265 -4.91 15.13 28.89
CA ASP B 265 -5.97 15.75 29.69
C ASP B 265 -7.33 15.55 29.03
N ILE B 266 -7.37 15.50 27.70
CA ILE B 266 -8.64 15.33 27.00
C ILE B 266 -9.18 13.91 27.17
N LEU B 267 -8.32 12.92 26.93
CA LEU B 267 -8.76 11.53 26.96
C LEU B 267 -8.86 11.00 28.38
N PHE B 268 -7.95 11.41 29.27
CA PHE B 268 -7.86 10.84 30.60
C PHE B 268 -8.05 11.90 31.69
N LYS B 269 -9.08 12.74 31.54
CA LYS B 269 -9.35 13.75 32.56
C LYS B 269 -9.77 13.11 33.89
N ASP B 270 -10.37 11.93 33.84
CA ASP B 270 -10.83 11.23 35.03
C ASP B 270 -9.78 10.32 35.64
N ILE B 271 -8.50 10.59 35.39
CA ILE B 271 -7.39 9.80 35.90
C ILE B 271 -6.68 10.63 36.96
N PRO B 272 -6.62 10.19 38.21
CA PRO B 272 -5.97 11.00 39.26
C PRO B 272 -4.46 11.04 39.09
N THR B 273 -3.94 12.18 38.64
CA THR B 273 -2.52 12.34 38.39
C THR B 273 -1.94 13.40 39.31
N ILE B 274 -0.63 13.31 39.54
CA ILE B 274 0.11 14.28 40.33
C ILE B 274 1.45 14.51 39.63
N ARG B 275 1.58 15.64 38.96
CA ARG B 275 2.82 16.00 38.29
C ARG B 275 3.65 16.89 39.22
N ILE B 276 4.92 16.52 39.41
CA ILE B 276 5.82 17.24 40.30
C ILE B 276 6.94 17.78 39.43
N SER B 277 6.78 19.02 38.95
CA SER B 277 7.80 19.68 38.14
C SER B 277 7.56 21.18 38.22
N ASP B 278 8.45 21.89 38.90
CA ASP B 278 8.29 23.32 39.11
C ASP B 278 9.20 24.10 38.17
N THR B 279 8.79 25.32 37.86
CA THR B 279 9.53 26.21 36.98
C THR B 279 10.29 27.25 37.80
N PHE B 280 11.41 27.72 37.26
CA PHE B 280 12.24 28.71 37.91
C PHE B 280 12.66 29.76 36.88
N GLU B 281 12.60 31.04 37.29
CA GLU B 281 12.98 32.14 36.42
C GLU B 281 14.26 32.83 36.88
N ARG B 282 14.88 32.37 37.95
CA ARG B 282 16.09 32.99 38.45
C ARG B 282 17.20 32.85 37.42
N PRO B 283 17.99 33.91 37.17
CA PRO B 283 19.07 33.79 36.18
C PRO B 283 20.17 32.83 36.61
N GLU B 284 20.42 32.70 37.90
CA GLU B 284 21.47 31.83 38.39
C GLU B 284 21.12 30.35 38.32
N MET B 285 19.92 30.01 37.86
CA MET B 285 19.49 28.63 37.70
C MET B 285 19.59 28.16 36.25
N ALA B 286 20.24 28.93 35.39
CA ALA B 286 20.29 28.61 33.96
C ALA B 286 21.20 27.42 33.73
N THR B 287 20.65 26.34 33.16
CA THR B 287 21.40 25.15 32.82
C THR B 287 21.51 25.03 31.31
N ASP B 288 22.52 24.29 30.86
CA ASP B 288 22.78 24.10 29.44
C ASP B 288 22.77 22.62 29.06
N LEU B 289 22.07 21.81 29.84
CA LEU B 289 21.80 20.39 29.57
C LEU B 289 23.06 19.53 29.67
N LEU B 290 24.24 20.12 29.90
CA LEU B 290 25.49 19.37 29.97
C LEU B 290 26.40 19.91 31.05
N GLU B 291 25.84 20.42 32.15
CA GLU B 291 26.65 20.99 33.22
C GLU B 291 27.39 19.89 33.96
N TYR B 292 28.71 19.88 33.83
CA TYR B 292 29.57 18.98 34.60
C TYR B 292 30.10 19.66 35.86
N ASN B 293 29.21 20.24 36.66
CA ASN B 293 29.57 21.02 37.82
C ASN B 293 28.89 20.42 39.05
N LEU B 294 29.69 20.08 40.06
CA LEU B 294 29.15 19.43 41.25
C LEU B 294 28.41 20.40 42.17
N ASP B 295 28.78 21.67 42.17
CA ASP B 295 28.13 22.64 43.04
C ASP B 295 26.77 23.06 42.51
N LYS B 296 26.61 23.13 41.19
CA LYS B 296 25.34 23.53 40.59
C LYS B 296 24.38 22.37 40.47
N LEU B 297 24.89 21.16 40.20
CA LEU B 297 24.03 19.99 40.17
C LEU B 297 23.54 19.61 41.57
N ASN B 298 24.16 20.15 42.62
CA ASN B 298 23.66 19.91 43.96
C ASN B 298 22.50 20.84 44.31
N THR B 299 22.52 22.07 43.78
CA THR B 299 21.41 22.99 44.02
C THR B 299 20.12 22.46 43.41
N LEU B 300 20.20 21.84 42.23
CA LEU B 300 19.03 21.19 41.66
C LEU B 300 18.56 20.04 42.55
N ARG B 301 19.48 19.36 43.22
CA ARG B 301 19.08 18.31 44.16
C ARG B 301 18.40 18.91 45.38
N GLN B 302 18.83 20.10 45.81
CA GLN B 302 18.16 20.78 46.92
C GLN B 302 16.82 21.31 46.47
N ARG B 303 16.81 22.14 45.43
CA ARG B 303 15.56 22.66 44.89
C ARG B 303 14.83 21.52 44.18
N GLY B 304 13.93 20.87 44.91
CA GLY B 304 13.32 19.64 44.46
C GLY B 304 13.12 18.72 45.64
N ARG B 305 13.87 18.97 46.71
CA ARG B 305 13.55 18.37 48.00
C ARG B 305 12.42 19.13 48.68
N GLU B 306 12.24 20.41 48.33
CA GLU B 306 11.14 21.22 48.84
C GLU B 306 9.90 21.11 47.98
N SER B 307 10.05 20.81 46.69
CA SER B 307 8.89 20.60 45.83
C SER B 307 8.06 19.43 46.30
N PHE B 308 8.68 18.45 46.98
CA PHE B 308 7.91 17.38 47.59
C PHE B 308 7.11 17.89 48.79
N GLY B 309 7.64 18.88 49.51
CA GLY B 309 6.96 19.38 50.68
C GLY B 309 5.70 20.15 50.40
N ALA B 310 5.57 20.70 49.18
CA ALA B 310 4.37 21.44 48.82
C ALA B 310 3.20 20.53 48.47
N ARG B 311 3.43 19.23 48.31
CA ARG B 311 2.39 18.28 47.98
C ARG B 311 2.39 17.07 48.91
N GLU B 312 2.96 17.22 50.10
CA GLU B 312 3.03 16.10 51.03
C GLU B 312 1.63 15.67 51.48
N ALA B 313 0.78 16.63 51.83
CA ALA B 313 -0.57 16.32 52.29
C ALA B 313 -1.44 15.71 51.20
N GLN B 314 -0.98 15.70 49.96
CA GLN B 314 -1.73 15.13 48.85
C GLN B 314 -1.17 13.81 48.35
N LEU B 315 0.15 13.65 48.35
CA LEU B 315 0.76 12.42 47.84
C LEU B 315 0.39 11.22 48.70
N ARG B 316 0.36 11.40 50.02
CA ARG B 316 0.08 10.25 50.88
C ARG B 316 -1.36 9.78 50.81
N GLU B 317 -2.21 10.44 50.02
CA GLU B 317 -3.50 9.86 49.68
C GLU B 317 -3.41 8.92 48.48
N PHE B 318 -2.39 9.10 47.65
CA PHE B 318 -2.15 8.23 46.51
C PHE B 318 -1.33 7.00 46.89
N LEU B 319 -0.19 7.22 47.57
CA LEU B 319 0.70 6.14 47.94
C LEU B 319 0.27 5.43 49.22
N ILE B 320 -0.64 6.02 49.99
CA ILE B 320 -1.09 5.46 51.25
C ILE B 320 0.09 5.17 52.18
N PRO C 7 -32.44 -0.84 -50.83
CA PRO C 7 -31.15 -1.26 -51.40
C PRO C 7 -30.56 -2.47 -50.66
N SER C 8 -31.16 -2.84 -49.54
CA SER C 8 -30.68 -3.97 -48.77
C SER C 8 -31.00 -5.28 -49.47
N SER C 9 -30.01 -6.17 -49.51
CA SER C 9 -30.17 -7.49 -50.12
C SER C 9 -30.34 -8.59 -49.07
N LEU C 10 -30.27 -8.25 -47.79
CA LEU C 10 -30.38 -9.22 -46.70
C LEU C 10 -31.68 -8.91 -45.96
N LEU C 11 -32.69 -9.75 -46.16
CA LEU C 11 -34.03 -9.54 -45.61
C LEU C 11 -34.48 -10.74 -44.81
N THR C 12 -33.60 -11.24 -43.95
CA THR C 12 -33.92 -12.36 -43.07
C THR C 12 -34.12 -11.86 -41.65
N GLU C 13 -35.15 -12.39 -40.99
CA GLU C 13 -35.51 -11.99 -39.64
C GLU C 13 -35.39 -13.21 -38.73
N TYR C 14 -34.59 -13.07 -37.67
CA TYR C 14 -34.40 -14.12 -36.68
C TYR C 14 -35.07 -13.73 -35.38
N GLY C 15 -35.87 -14.63 -34.83
CA GLY C 15 -36.60 -14.34 -33.62
C GLY C 15 -35.68 -14.23 -32.41
N ASN C 16 -36.22 -13.62 -31.36
CA ASN C 16 -35.46 -13.47 -30.12
C ASN C 16 -35.34 -14.81 -29.41
N ASP C 17 -34.25 -14.97 -28.66
CA ASP C 17 -34.00 -16.19 -27.92
C ASP C 17 -33.19 -15.85 -26.67
N ASN C 18 -33.08 -16.83 -25.77
CA ASN C 18 -32.37 -16.66 -24.51
C ASN C 18 -30.93 -17.17 -24.60
N ILE C 19 -30.35 -17.18 -25.79
CA ILE C 19 -29.00 -17.70 -26.00
C ILE C 19 -28.14 -16.55 -26.54
N CYS C 20 -27.07 -16.24 -25.82
CA CYS C 20 -26.17 -15.18 -26.24
C CYS C 20 -25.17 -15.71 -27.27
N ARG C 21 -24.71 -14.81 -28.13
CA ARG C 21 -23.74 -15.13 -29.17
C ARG C 21 -22.66 -14.05 -29.18
N VAL C 22 -21.44 -14.43 -28.84
CA VAL C 22 -20.32 -13.51 -28.73
C VAL C 22 -19.43 -13.66 -29.96
N LEU C 23 -18.93 -12.55 -30.47
CA LEU C 23 -18.01 -12.54 -31.60
C LEU C 23 -16.75 -11.81 -31.19
N ALA C 24 -15.64 -12.55 -31.06
CA ALA C 24 -14.38 -12.00 -30.57
C ALA C 24 -13.36 -12.02 -31.69
N LEU C 25 -13.02 -10.83 -32.20
CA LEU C 25 -12.02 -10.71 -33.25
C LEU C 25 -10.63 -10.51 -32.66
N ASP C 26 -9.63 -10.93 -33.40
CA ASP C 26 -8.24 -10.89 -32.96
C ASP C 26 -7.52 -9.72 -33.64
N GLY C 27 -6.25 -9.55 -33.29
CA GLY C 27 -5.45 -8.48 -33.83
C GLY C 27 -4.33 -8.94 -34.73
N GLY C 28 -4.28 -8.45 -35.96
CA GLY C 28 -3.26 -8.86 -36.90
C GLY C 28 -2.64 -7.73 -37.69
N GLY C 29 -3.18 -6.52 -37.56
CA GLY C 29 -2.66 -5.37 -38.27
C GLY C 29 -3.20 -5.27 -39.68
N ALA C 30 -2.36 -5.54 -40.67
CA ALA C 30 -2.79 -5.57 -42.07
C ALA C 30 -3.28 -6.95 -42.49
N LYS C 31 -3.24 -7.93 -41.60
CA LYS C 31 -3.76 -9.26 -41.87
C LYS C 31 -5.27 -9.36 -41.70
N GLY C 32 -5.96 -8.23 -41.62
CA GLY C 32 -7.41 -8.24 -41.47
C GLY C 32 -8.15 -8.83 -42.65
N PHE C 33 -7.48 -8.98 -43.80
CA PHE C 33 -8.14 -9.56 -44.96
C PHE C 33 -8.57 -10.99 -44.71
N TYR C 34 -7.81 -11.74 -43.91
CA TYR C 34 -8.26 -13.07 -43.50
C TYR C 34 -9.53 -12.99 -42.68
N THR C 35 -9.68 -11.92 -41.89
CA THR C 35 -10.90 -11.75 -41.10
C THR C 35 -12.07 -11.32 -41.99
N LEU C 36 -11.81 -10.50 -43.00
CA LEU C 36 -12.88 -10.08 -43.90
C LEU C 36 -13.32 -11.23 -44.79
N GLY C 37 -12.41 -12.12 -45.16
CA GLY C 37 -12.79 -13.24 -46.00
C GLY C 37 -13.72 -14.21 -45.30
N VAL C 38 -13.43 -14.55 -44.05
CA VAL C 38 -14.27 -15.50 -43.33
C VAL C 38 -15.58 -14.86 -42.91
N LEU C 39 -15.57 -13.57 -42.57
CA LEU C 39 -16.82 -12.90 -42.18
C LEU C 39 -17.73 -12.68 -43.37
N LYS C 40 -17.18 -12.52 -44.57
CA LYS C 40 -18.01 -12.28 -45.75
C LYS C 40 -18.90 -13.47 -46.05
N GLU C 41 -18.46 -14.68 -45.70
CA GLU C 41 -19.29 -15.86 -45.90
C GLU C 41 -20.12 -16.22 -44.68
N ILE C 42 -19.86 -15.58 -43.53
CA ILE C 42 -20.67 -15.85 -42.35
C ILE C 42 -22.02 -15.15 -42.46
N GLU C 43 -22.02 -13.91 -42.94
CA GLU C 43 -23.28 -13.20 -43.13
C GLU C 43 -24.08 -13.81 -44.28
N ALA C 44 -23.42 -14.35 -45.30
CA ALA C 44 -24.12 -14.95 -46.41
C ALA C 44 -24.93 -16.18 -45.96
N MET C 45 -24.38 -16.95 -45.02
CA MET C 45 -25.13 -18.07 -44.48
C MET C 45 -26.32 -17.60 -43.66
N LEU C 46 -26.19 -16.45 -42.99
CA LEU C 46 -27.29 -15.92 -42.19
C LEU C 46 -28.30 -15.17 -43.06
N GLY C 47 -27.82 -14.35 -43.98
CA GLY C 47 -28.71 -13.56 -44.81
C GLY C 47 -29.26 -12.33 -44.12
N CYS C 48 -28.60 -11.83 -43.09
CA CYS C 48 -29.07 -10.68 -42.34
C CYS C 48 -27.85 -9.93 -41.82
N PRO C 49 -28.00 -8.64 -41.48
CA PRO C 49 -26.88 -7.92 -40.87
C PRO C 49 -26.42 -8.60 -39.59
N LEU C 50 -25.12 -8.48 -39.32
CA LEU C 50 -24.53 -9.22 -38.21
C LEU C 50 -25.03 -8.72 -36.86
N TYR C 51 -25.35 -7.43 -36.73
CA TYR C 51 -25.77 -6.90 -35.45
C TYR C 51 -27.15 -7.41 -35.04
N LYS C 52 -27.91 -7.98 -35.98
CA LYS C 52 -29.23 -8.50 -35.65
C LYS C 52 -29.17 -9.91 -35.06
N ARG C 53 -28.01 -10.57 -35.10
CA ARG C 53 -27.87 -11.91 -34.57
C ARG C 53 -26.92 -12.01 -33.39
N PHE C 54 -25.87 -11.21 -33.35
CA PHE C 54 -24.89 -11.26 -32.28
C PHE C 54 -25.24 -10.25 -31.19
N ASP C 55 -24.79 -10.57 -29.96
CA ASP C 55 -25.08 -9.74 -28.80
C ASP C 55 -23.87 -9.01 -28.25
N LEU C 56 -22.67 -9.32 -28.73
CA LEU C 56 -21.45 -8.72 -28.19
C LEU C 56 -20.31 -8.92 -29.16
N VAL C 57 -19.60 -7.84 -29.47
CA VAL C 57 -18.40 -7.90 -30.30
C VAL C 57 -17.28 -7.20 -29.55
N PHE C 58 -16.07 -7.77 -29.61
CA PHE C 58 -14.98 -7.36 -28.74
C PHE C 58 -13.66 -7.29 -29.51
N GLY C 59 -13.67 -6.65 -30.67
CA GLY C 59 -12.47 -6.62 -31.50
C GLY C 59 -11.32 -5.90 -30.82
N THR C 60 -10.09 -6.31 -31.15
CA THR C 60 -8.88 -5.77 -30.54
C THR C 60 -7.94 -5.22 -31.62
N SER C 61 -7.86 -3.88 -31.69
CA SER C 61 -6.93 -3.16 -32.60
C SER C 61 -7.41 -3.24 -34.06
N THR C 62 -7.76 -4.46 -34.52
CA THR C 62 -8.42 -4.64 -35.85
C THR C 62 -9.90 -4.75 -35.55
N GLY C 63 -10.24 -5.45 -34.46
CA GLY C 63 -11.66 -5.49 -34.06
C GLY C 63 -12.05 -4.06 -33.77
N ALA C 64 -11.21 -3.32 -33.05
CA ALA C 64 -11.50 -1.88 -32.85
C ALA C 64 -12.09 -1.31 -34.14
N ILE C 65 -11.55 -1.71 -35.29
CA ILE C 65 -12.09 -1.23 -36.60
C ILE C 65 -13.32 -2.04 -37.03
N ILE C 66 -13.21 -3.37 -37.16
CA ILE C 66 -14.35 -4.09 -37.70
C ILE C 66 -15.50 -4.15 -36.69
N ALA C 67 -15.19 -4.21 -35.39
CA ALA C 67 -16.24 -4.25 -34.39
C ALA C 67 -17.01 -2.93 -34.33
N ALA C 68 -16.31 -1.80 -34.41
CA ALA C 68 -16.97 -0.51 -34.44
C ALA C 68 -17.84 -0.36 -35.68
N LEU C 69 -17.37 -0.88 -36.82
CA LEU C 69 -18.17 -0.79 -38.04
C LEU C 69 -19.35 -1.74 -38.03
N ILE C 70 -19.19 -2.93 -37.42
CA ILE C 70 -20.30 -3.87 -37.37
C ILE C 70 -21.37 -3.41 -36.38
N ALA C 71 -20.94 -2.85 -35.25
CA ALA C 71 -21.89 -2.40 -34.24
C ALA C 71 -22.70 -1.20 -34.69
N LEU C 72 -22.22 -0.45 -35.69
CA LEU C 72 -23.00 0.67 -36.21
C LEU C 72 -24.11 0.19 -37.14
N GLY C 73 -23.89 -0.89 -37.87
CA GLY C 73 -24.89 -1.43 -38.78
C GLY C 73 -24.37 -1.59 -40.19
N TYR C 74 -23.06 -1.58 -40.36
CA TYR C 74 -22.47 -1.76 -41.67
C TYR C 74 -22.56 -3.22 -42.11
N GLU C 75 -22.34 -3.45 -43.41
CA GLU C 75 -22.27 -4.78 -43.98
C GLU C 75 -20.86 -5.03 -44.50
N VAL C 76 -20.47 -6.30 -44.52
CA VAL C 76 -19.08 -6.66 -44.81
C VAL C 76 -18.65 -6.16 -46.19
N ASP C 77 -19.59 -6.03 -47.14
CA ASP C 77 -19.24 -5.49 -48.44
C ASP C 77 -18.74 -4.05 -48.31
N GLN C 78 -19.41 -3.26 -47.46
CA GLN C 78 -18.96 -1.88 -47.24
C GLN C 78 -17.67 -1.83 -46.43
N ILE C 79 -17.51 -2.72 -45.46
CA ILE C 79 -16.28 -2.75 -44.68
C ILE C 79 -15.10 -3.09 -45.57
N HIS C 80 -15.26 -4.07 -46.45
CA HIS C 80 -14.18 -4.47 -47.33
C HIS C 80 -13.82 -3.38 -48.32
N ALA C 81 -14.81 -2.59 -48.77
CA ALA C 81 -14.53 -1.53 -49.71
C ALA C 81 -13.67 -0.44 -49.08
N LEU C 82 -14.01 -0.02 -47.86
CA LEU C 82 -13.20 0.98 -47.18
C LEU C 82 -11.82 0.43 -46.82
N TYR C 83 -11.75 -0.87 -46.50
CA TYR C 83 -10.49 -1.45 -46.05
C TYR C 83 -9.46 -1.47 -47.17
N THR C 84 -9.84 -1.96 -48.35
CA THR C 84 -8.92 -2.03 -49.47
C THR C 84 -8.51 -0.65 -49.99
N GLU C 85 -9.28 0.38 -49.68
CA GLU C 85 -9.00 1.70 -50.23
C GLU C 85 -8.05 2.50 -49.35
N HIS C 86 -8.15 2.34 -48.03
CA HIS C 86 -7.43 3.19 -47.08
C HIS C 86 -6.36 2.46 -46.30
N VAL C 87 -6.60 1.20 -45.90
CA VAL C 87 -5.62 0.49 -45.07
C VAL C 87 -4.28 0.33 -45.77
N PRO C 88 -4.20 -0.08 -47.05
CA PRO C 88 -2.89 -0.15 -47.70
C PRO C 88 -2.18 1.19 -47.81
N ARG C 89 -2.90 2.31 -47.65
CA ARG C 89 -2.25 3.62 -47.68
C ARG C 89 -1.59 3.94 -46.34
N VAL C 90 -2.12 3.41 -45.24
CA VAL C 90 -1.55 3.71 -43.92
C VAL C 90 -0.15 3.12 -43.80
N MET C 91 -0.02 1.83 -44.06
CA MET C 91 1.26 1.14 -43.92
C MET C 91 2.26 1.51 -45.01
N SER C 92 1.95 2.49 -45.87
CA SER C 92 2.87 2.88 -46.92
C SER C 92 3.98 3.80 -46.45
N SER C 93 3.82 4.45 -45.30
CA SER C 93 4.82 5.37 -44.77
C SER C 93 5.69 4.66 -43.75
N ARG C 94 6.99 4.86 -43.84
CA ARG C 94 7.94 4.23 -42.92
C ARG C 94 8.41 5.30 -41.93
N SER C 95 7.64 5.46 -40.86
CA SER C 95 7.91 6.44 -39.81
C SER C 95 7.02 6.09 -38.62
N ALA C 96 7.06 6.93 -37.59
CA ALA C 96 6.16 6.81 -36.46
C ALA C 96 5.18 7.97 -36.34
N ALA C 97 5.61 9.20 -36.67
CA ALA C 97 4.70 10.33 -36.65
C ALA C 97 3.87 10.39 -37.93
N ALA C 98 4.50 10.12 -39.08
CA ALA C 98 3.79 10.14 -40.34
C ALA C 98 2.72 9.06 -40.41
N ARG C 99 2.96 7.91 -39.76
CA ARG C 99 1.95 6.86 -39.73
C ARG C 99 0.77 7.25 -38.85
N THR C 100 1.04 7.95 -37.74
CA THR C 100 -0.04 8.40 -36.87
C THR C 100 -0.84 9.53 -37.50
N MET C 101 -0.19 10.34 -38.33
CA MET C 101 -0.92 11.39 -39.04
C MET C 101 -1.90 10.81 -40.04
N ALA C 102 -1.46 9.80 -40.80
CA ALA C 102 -2.36 9.18 -41.78
C ALA C 102 -3.48 8.40 -41.09
N LEU C 103 -3.15 7.69 -40.00
CA LEU C 103 -4.18 6.95 -39.27
C LEU C 103 -5.18 7.91 -38.63
N GLN C 104 -4.78 9.15 -38.36
CA GLN C 104 -5.70 10.12 -37.78
C GLN C 104 -6.83 10.46 -38.73
N ASP C 105 -6.52 10.63 -40.02
CA ASP C 105 -7.54 11.00 -40.98
C ASP C 105 -8.48 9.84 -41.30
N LEU C 106 -7.96 8.61 -41.32
CA LEU C 106 -8.81 7.45 -41.59
C LEU C 106 -9.91 7.33 -40.56
N ALA C 107 -9.60 7.55 -39.29
CA ALA C 107 -10.63 7.50 -38.25
C ALA C 107 -11.58 8.68 -38.36
N LYS C 108 -11.13 9.79 -38.95
CA LYS C 108 -11.99 10.97 -39.07
C LYS C 108 -12.96 10.84 -40.23
N GLU C 109 -12.54 10.24 -41.34
CA GLU C 109 -13.39 10.14 -42.51
C GLU C 109 -14.45 9.06 -42.37
N VAL C 110 -14.13 7.94 -41.74
CA VAL C 110 -15.10 6.86 -41.58
C VAL C 110 -16.02 7.11 -40.40
N PHE C 111 -15.46 7.51 -39.26
CA PHE C 111 -16.21 7.86 -38.06
C PHE C 111 -16.17 9.38 -37.93
N GLN C 112 -17.22 10.05 -38.36
CA GLN C 112 -17.21 11.51 -38.40
C GLN C 112 -17.31 12.10 -36.99
N ASP C 113 -18.44 11.90 -36.32
CA ASP C 113 -18.62 12.43 -34.98
C ASP C 113 -19.36 11.46 -34.05
N LYS C 114 -19.54 10.21 -34.45
CA LYS C 114 -20.34 9.29 -33.65
C LYS C 114 -19.64 8.95 -32.33
N THR C 115 -20.43 8.65 -31.31
CA THR C 115 -19.94 8.26 -30.00
C THR C 115 -20.41 6.85 -29.69
N PHE C 116 -20.13 6.40 -28.47
CA PHE C 116 -20.48 5.04 -28.06
C PHE C 116 -21.94 4.90 -27.66
N GLU C 117 -22.77 5.89 -27.96
CA GLU C 117 -24.21 5.77 -27.79
C GLU C 117 -24.93 5.53 -29.11
N ASP C 118 -24.21 5.60 -30.24
CA ASP C 118 -24.79 5.36 -31.55
C ASP C 118 -24.59 3.92 -32.02
N VAL C 119 -24.40 2.99 -31.10
CA VAL C 119 -24.19 1.60 -31.44
C VAL C 119 -25.52 0.87 -31.34
N LEU C 120 -25.60 -0.31 -31.96
CA LEU C 120 -26.81 -1.11 -31.97
C LEU C 120 -26.63 -2.45 -31.27
N MET C 121 -25.52 -2.65 -30.56
CA MET C 121 -25.25 -3.89 -29.85
C MET C 121 -24.18 -3.63 -28.81
N GLY C 122 -23.86 -4.66 -28.03
CA GLY C 122 -22.81 -4.55 -27.03
C GLY C 122 -21.45 -4.54 -27.68
N ILE C 123 -20.65 -3.51 -27.39
CA ILE C 123 -19.34 -3.36 -28.00
C ILE C 123 -18.31 -3.19 -26.90
N GLY C 124 -17.05 -3.50 -27.23
CA GLY C 124 -15.94 -3.28 -26.32
C GLY C 124 -14.61 -3.28 -27.05
N ILE C 125 -13.81 -2.25 -26.83
CA ILE C 125 -12.52 -2.10 -27.46
C ILE C 125 -11.45 -2.11 -26.39
N VAL C 126 -10.35 -2.80 -26.66
CA VAL C 126 -9.27 -3.00 -25.69
C VAL C 126 -8.12 -2.07 -26.01
N ALA C 127 -7.61 -1.40 -24.99
CA ALA C 127 -6.43 -0.55 -25.09
C ALA C 127 -5.58 -0.77 -23.86
N THR C 128 -4.44 -0.08 -23.79
CA THR C 128 -3.49 -0.27 -22.69
C THR C 128 -3.07 1.07 -22.13
N ARG C 129 -3.15 1.21 -20.82
CA ARG C 129 -2.65 2.41 -20.14
C ARG C 129 -1.14 2.33 -20.02
N TRP C 130 -0.45 3.36 -20.49
CA TRP C 130 1.01 3.37 -20.51
C TRP C 130 1.61 3.64 -19.14
N MET C 131 0.89 4.33 -18.26
CA MET C 131 1.45 4.78 -16.99
C MET C 131 1.20 3.82 -15.84
N THR C 132 0.01 3.22 -15.78
CA THR C 132 -0.31 2.25 -14.73
C THR C 132 -0.30 0.81 -15.21
N GLU C 133 -0.12 0.58 -16.51
CA GLU C 133 0.02 -0.75 -17.09
C GLU C 133 -1.20 -1.61 -16.78
N ARG C 134 -2.37 -1.16 -17.23
CA ARG C 134 -3.61 -1.88 -17.07
C ARG C 134 -4.44 -1.71 -18.34
N PRO C 135 -5.29 -2.68 -18.65
CA PRO C 135 -6.09 -2.58 -19.87
C PRO C 135 -7.23 -1.58 -19.72
N MET C 136 -7.43 -0.77 -20.75
CA MET C 136 -8.52 0.19 -20.81
C MET C 136 -9.55 -0.33 -21.81
N ILE C 137 -10.73 -0.67 -21.31
CA ILE C 137 -11.78 -1.31 -22.09
C ILE C 137 -12.93 -0.33 -22.25
N PHE C 138 -13.05 0.28 -23.43
CA PHE C 138 -14.21 1.09 -23.74
C PHE C 138 -15.44 0.20 -23.85
N LYS C 139 -16.60 0.75 -23.48
CA LYS C 139 -17.85 0.02 -23.55
C LYS C 139 -18.95 0.97 -24.02
N GLY C 140 -20.17 0.44 -24.14
CA GLY C 140 -21.27 1.23 -24.65
C GLY C 140 -22.46 1.32 -23.73
N ASN C 141 -22.61 0.35 -22.82
CA ASN C 141 -23.75 0.30 -21.92
C ASN C 141 -23.28 0.14 -20.49
N VAL C 142 -24.13 0.56 -19.55
CA VAL C 142 -23.79 0.46 -18.12
C VAL C 142 -23.99 -0.94 -17.58
N VAL C 143 -24.69 -1.81 -18.31
CA VAL C 143 -24.90 -3.17 -17.82
C VAL C 143 -23.64 -4.02 -17.94
N GLN C 144 -22.65 -3.56 -18.72
CA GLN C 144 -21.42 -4.31 -18.92
C GLN C 144 -20.33 -3.96 -17.92
N ALA C 145 -20.55 -2.96 -17.07
CA ALA C 145 -19.56 -2.59 -16.07
C ALA C 145 -19.64 -3.53 -14.88
N HIS C 146 -18.49 -3.77 -14.25
CA HIS C 146 -18.39 -4.63 -13.09
C HIS C 146 -18.24 -3.85 -11.78
N GLY C 147 -17.50 -2.75 -11.79
CA GLY C 147 -17.33 -1.94 -10.60
C GLY C 147 -17.46 -0.47 -10.93
N ARG C 148 -17.66 0.32 -9.88
CA ARG C 148 -17.86 1.77 -9.99
C ARG C 148 -19.04 2.07 -10.90
N LYS C 149 -20.23 1.62 -10.48
CA LYS C 149 -21.44 1.85 -11.26
C LYS C 149 -21.72 3.33 -11.41
N GLY C 150 -21.45 4.11 -10.37
CA GLY C 150 -21.57 5.56 -10.46
C GLY C 150 -20.58 6.14 -11.45
N THR C 151 -20.81 7.42 -11.76
CA THR C 151 -20.03 8.21 -12.73
C THR C 151 -19.63 7.41 -13.96
N PHE C 152 -20.53 6.57 -14.45
CA PHE C 152 -20.27 5.79 -15.66
C PHE C 152 -20.68 6.59 -16.88
N SER C 153 -19.72 6.83 -17.78
CA SER C 153 -19.98 7.56 -19.02
C SER C 153 -19.66 6.66 -20.19
N PRO C 154 -20.63 6.34 -21.05
CA PRO C 154 -20.39 5.40 -22.15
C PRO C 154 -19.28 5.88 -23.08
N GLY C 155 -18.28 5.03 -23.28
CA GLY C 155 -17.16 5.37 -24.13
C GLY C 155 -16.28 6.46 -23.59
N PHE C 156 -16.36 6.73 -22.28
CA PHE C 156 -15.59 7.80 -21.64
C PHE C 156 -15.84 9.16 -22.27
N GLY C 157 -17.02 9.35 -22.87
CA GLY C 157 -17.31 10.60 -23.55
C GLY C 157 -16.44 10.87 -24.74
N VAL C 158 -15.75 9.85 -25.26
CA VAL C 158 -14.81 10.01 -26.36
C VAL C 158 -15.44 9.44 -27.62
N SER C 159 -15.18 10.08 -28.75
CA SER C 159 -15.73 9.64 -30.02
C SER C 159 -15.11 8.31 -30.44
N ILE C 160 -15.71 7.70 -31.47
CA ILE C 160 -15.15 6.47 -32.02
C ILE C 160 -13.84 6.75 -32.75
N ALA C 161 -13.64 7.99 -33.21
CA ALA C 161 -12.45 8.31 -33.98
C ALA C 161 -11.19 8.17 -33.14
N ASP C 162 -11.25 8.57 -31.87
CA ASP C 162 -10.06 8.49 -31.02
C ASP C 162 -9.98 7.15 -30.29
N ALA C 163 -11.13 6.58 -29.91
CA ALA C 163 -11.12 5.32 -29.18
C ALA C 163 -10.53 4.19 -30.03
N VAL C 164 -10.76 4.22 -31.34
CA VAL C 164 -10.22 3.19 -32.22
C VAL C 164 -8.76 3.48 -32.54
N GLN C 165 -8.44 4.74 -32.85
CA GLN C 165 -7.07 5.10 -33.19
C GLN C 165 -6.12 4.87 -32.02
N ALA C 166 -6.60 5.04 -30.79
CA ALA C 166 -5.75 4.80 -29.64
C ALA C 166 -5.36 3.33 -29.53
N SER C 167 -6.29 2.43 -29.84
CA SER C 167 -6.02 1.00 -29.83
C SER C 167 -5.11 0.56 -30.96
N CYS C 168 -4.82 1.42 -31.93
CA CYS C 168 -4.01 1.08 -33.09
C CYS C 168 -2.60 1.62 -33.00
N SER C 169 -2.25 2.32 -31.92
CA SER C 169 -0.92 2.91 -31.77
C SER C 169 0.05 1.82 -31.34
N ALA C 170 0.55 1.08 -32.33
CA ALA C 170 1.49 0.00 -32.10
C ALA C 170 2.87 0.59 -31.81
N TYR C 171 3.19 0.72 -30.51
CA TYR C 171 4.47 1.38 -30.09
C TYR C 171 5.59 1.27 -31.15
N PRO C 172 6.09 0.08 -31.53
CA PRO C 172 7.24 0.01 -32.44
C PRO C 172 7.01 0.71 -33.77
N PHE C 173 5.74 0.96 -34.11
CA PHE C 173 5.44 1.55 -35.44
C PHE C 173 4.67 2.84 -35.31
N PHE C 174 4.08 3.12 -34.14
CA PHE C 174 3.25 4.32 -34.08
C PHE C 174 3.55 5.08 -32.80
N GLU C 175 3.38 6.40 -32.85
CA GLU C 175 3.55 7.21 -31.65
C GLU C 175 2.44 6.91 -30.66
N ARG C 176 2.61 7.40 -29.43
CA ARG C 176 1.63 7.20 -28.39
C ARG C 176 0.45 8.15 -28.58
N LYS C 177 -0.70 7.76 -28.03
CA LYS C 177 -1.94 8.50 -28.20
C LYS C 177 -2.44 8.99 -26.85
N VAL C 178 -2.77 10.28 -26.78
CA VAL C 178 -3.32 10.89 -25.58
C VAL C 178 -4.84 10.96 -25.72
N ILE C 179 -5.54 10.82 -24.60
CA ILE C 179 -7.00 10.79 -24.58
C ILE C 179 -7.47 11.74 -23.49
N VAL C 180 -8.46 12.57 -23.81
CA VAL C 180 -9.06 13.49 -22.87
C VAL C 180 -10.48 13.02 -22.58
N THR C 181 -10.69 12.43 -21.41
CA THR C 181 -12.00 11.95 -21.01
C THR C 181 -12.96 13.12 -20.83
N ALA C 182 -14.26 12.80 -20.74
CA ALA C 182 -15.27 13.82 -20.50
C ALA C 182 -15.06 14.53 -19.16
N ALA C 183 -14.39 13.88 -18.21
CA ALA C 183 -14.10 14.49 -16.92
C ALA C 183 -12.77 15.23 -16.90
N GLY C 184 -12.15 15.45 -18.06
CA GLY C 184 -10.91 16.19 -18.16
C GLY C 184 -9.66 15.38 -17.92
N ASP C 185 -9.78 14.10 -17.60
CA ASP C 185 -8.61 13.26 -17.35
C ASP C 185 -7.83 13.06 -18.65
N LYS C 186 -6.53 13.35 -18.59
CA LYS C 186 -5.64 13.23 -19.74
C LYS C 186 -4.90 11.90 -19.62
N VAL C 187 -5.40 10.87 -20.30
CA VAL C 187 -4.84 9.53 -20.25
C VAL C 187 -3.99 9.31 -21.51
N GLU C 188 -2.86 8.64 -21.33
CA GLU C 188 -1.99 8.27 -22.44
C GLU C 188 -2.09 6.76 -22.66
N LEU C 189 -2.30 6.35 -23.91
CA LEU C 189 -2.51 4.95 -24.23
C LEU C 189 -1.56 4.52 -25.34
N ILE C 190 -1.38 3.21 -25.45
CA ILE C 190 -0.66 2.58 -26.54
C ILE C 190 -1.49 1.41 -27.05
N ASP C 191 -0.89 0.63 -27.95
CA ASP C 191 -1.58 -0.51 -28.55
C ASP C 191 -2.21 -1.40 -27.49
N GLY C 192 -3.37 -1.96 -27.80
CA GLY C 192 -4.06 -2.88 -26.93
C GLY C 192 -3.60 -4.32 -27.00
N GLY C 193 -2.63 -4.62 -27.86
CA GLY C 193 -2.19 -6.00 -27.99
C GLY C 193 -1.25 -6.42 -26.87
N TYR C 194 -0.46 -5.48 -26.35
CA TYR C 194 0.53 -5.77 -25.32
C TYR C 194 -0.06 -6.47 -24.10
N CYS C 195 -1.30 -6.13 -23.75
CA CYS C 195 -1.95 -6.77 -22.61
C CYS C 195 -2.73 -8.02 -23.02
N ALA C 196 -3.40 -7.97 -24.17
CA ALA C 196 -4.17 -9.11 -24.65
C ALA C 196 -4.33 -8.99 -26.15
N ASN C 197 -3.81 -9.97 -26.89
CA ASN C 197 -3.98 -10.01 -28.34
C ASN C 197 -5.13 -10.90 -28.77
N ASN C 198 -5.62 -11.77 -27.88
CA ASN C 198 -6.78 -12.62 -28.15
C ASN C 198 -7.81 -12.34 -27.09
N PRO C 199 -8.84 -11.53 -27.40
CA PRO C 199 -9.78 -11.09 -26.36
C PRO C 199 -10.87 -12.11 -26.03
N THR C 200 -10.70 -13.38 -26.40
CA THR C 200 -11.70 -14.37 -26.06
C THR C 200 -11.87 -14.51 -24.56
N LEU C 201 -10.77 -14.44 -23.81
CA LEU C 201 -10.85 -14.58 -22.36
C LEU C 201 -11.57 -13.40 -21.72
N PHE C 202 -11.42 -12.20 -22.29
CA PHE C 202 -12.10 -11.04 -21.75
C PHE C 202 -13.60 -11.09 -22.05
N ALA C 203 -13.96 -11.39 -23.29
CA ALA C 203 -15.37 -11.36 -23.68
C ALA C 203 -16.18 -12.41 -22.93
N ILE C 204 -15.60 -13.59 -22.69
CA ILE C 204 -16.29 -14.59 -21.89
C ILE C 204 -16.42 -14.12 -20.46
N ALA C 205 -15.40 -13.43 -19.94
CA ALA C 205 -15.53 -12.83 -18.61
C ALA C 205 -16.54 -11.69 -18.60
N ASP C 206 -16.81 -11.07 -19.75
CA ASP C 206 -17.77 -10.00 -19.83
C ASP C 206 -19.20 -10.53 -19.86
N ALA C 207 -19.42 -11.69 -20.48
CA ALA C 207 -20.74 -12.28 -20.59
C ALA C 207 -21.05 -13.27 -19.47
N THR C 208 -20.17 -13.35 -18.46
CA THR C 208 -20.38 -14.23 -17.33
C THR C 208 -20.55 -13.48 -16.02
N VAL C 209 -19.75 -12.43 -15.78
CA VAL C 209 -19.93 -11.62 -14.59
C VAL C 209 -21.02 -10.57 -14.82
N ALA C 210 -20.80 -9.68 -15.79
CA ALA C 210 -21.86 -8.80 -16.25
C ALA C 210 -22.84 -9.60 -17.11
N LEU C 211 -24.11 -9.20 -17.07
CA LEU C 211 -25.15 -9.97 -17.82
C LEU C 211 -24.98 -11.45 -17.47
N LYS C 212 -25.17 -11.81 -16.20
CA LYS C 212 -24.93 -13.20 -15.78
C LYS C 212 -25.74 -14.18 -16.60
N LYS C 213 -25.04 -15.04 -17.35
CA LYS C 213 -25.65 -16.10 -18.13
C LYS C 213 -24.95 -17.41 -17.79
N ASP C 214 -25.66 -18.52 -18.00
CA ASP C 214 -25.07 -19.82 -17.77
C ASP C 214 -24.01 -20.12 -18.84
N HIS C 215 -23.15 -21.09 -18.53
CA HIS C 215 -22.12 -21.48 -19.48
C HIS C 215 -22.72 -22.20 -20.69
N LYS C 216 -23.80 -22.95 -20.48
CA LYS C 216 -24.43 -23.70 -21.55
C LYS C 216 -25.26 -22.84 -22.49
N ASP C 217 -25.36 -21.53 -22.23
CA ASP C 217 -26.17 -20.64 -23.06
C ASP C 217 -25.32 -19.55 -23.71
N ILE C 218 -24.07 -19.85 -24.02
CA ILE C 218 -23.17 -18.92 -24.69
C ILE C 218 -22.56 -19.62 -25.90
N ARG C 219 -22.40 -18.86 -26.99
CA ARG C 219 -21.80 -19.38 -28.22
C ARG C 219 -20.71 -18.41 -28.65
N VAL C 220 -19.48 -18.69 -28.26
CA VAL C 220 -18.35 -17.84 -28.57
C VAL C 220 -17.74 -18.28 -29.89
N ILE C 221 -17.42 -17.30 -30.75
CA ILE C 221 -16.83 -17.56 -32.05
C ILE C 221 -15.63 -16.64 -32.20
N ASN C 222 -14.43 -17.21 -32.08
CA ASN C 222 -13.21 -16.45 -32.24
C ASN C 222 -12.75 -16.51 -33.69
N VAL C 223 -12.26 -15.38 -34.19
CA VAL C 223 -11.77 -15.27 -35.56
C VAL C 223 -10.40 -14.60 -35.50
N GLY C 224 -9.35 -15.35 -35.76
CA GLY C 224 -8.00 -14.82 -35.74
C GLY C 224 -7.60 -14.22 -37.07
N VAL C 225 -6.29 -14.20 -37.31
CA VAL C 225 -5.73 -13.73 -38.56
C VAL C 225 -4.84 -14.76 -39.24
N GLY C 226 -4.69 -15.94 -38.67
CA GLY C 226 -3.82 -16.95 -39.23
C GLY C 226 -2.37 -16.75 -38.82
N ILE C 227 -1.59 -17.82 -38.96
CA ILE C 227 -0.19 -17.83 -38.58
C ILE C 227 0.65 -17.98 -39.84
N TYR C 228 1.70 -17.18 -39.97
CA TYR C 228 2.48 -17.09 -41.18
C TYR C 228 3.96 -17.17 -40.88
N PRO C 229 4.74 -17.76 -41.77
CA PRO C 229 6.20 -17.79 -41.57
C PRO C 229 6.80 -16.39 -41.69
N GLU C 230 7.78 -16.12 -40.86
CA GLU C 230 8.42 -14.81 -40.86
C GLU C 230 9.30 -14.65 -42.09
N PRO C 231 9.23 -13.52 -42.80
CA PRO C 231 10.07 -13.28 -43.97
C PRO C 231 11.54 -13.09 -43.62
N LYS C 242 21.66 -9.80 -35.30
CA LYS C 242 21.63 -8.66 -34.40
C LYS C 242 20.58 -8.84 -33.31
N TRP C 243 20.89 -9.70 -32.34
CA TRP C 243 19.96 -10.00 -31.25
C TRP C 243 20.31 -9.17 -30.01
N LEU C 244 20.17 -7.86 -30.17
CA LEU C 244 20.44 -6.91 -29.09
C LEU C 244 19.26 -6.90 -28.12
N ALA C 245 19.13 -8.02 -27.40
CA ALA C 245 18.05 -8.23 -26.43
C ALA C 245 16.68 -8.06 -27.06
N VAL C 246 16.60 -8.30 -28.38
CA VAL C 246 15.31 -8.10 -29.09
C VAL C 246 14.60 -9.45 -29.24
N GLN C 247 15.37 -10.54 -29.26
CA GLN C 247 14.76 -11.89 -29.32
C GLN C 247 13.79 -12.05 -28.14
N LEU C 248 14.25 -11.72 -26.93
CA LEU C 248 13.39 -11.84 -25.73
C LEU C 248 12.11 -11.02 -25.93
N LEU C 249 12.23 -9.78 -26.43
CA LEU C 249 11.05 -8.97 -26.68
C LEU C 249 10.04 -9.72 -27.53
N GLN C 250 10.51 -10.40 -28.58
CA GLN C 250 9.61 -11.21 -29.39
C GLN C 250 9.11 -12.42 -28.63
N LYS C 251 9.94 -12.98 -27.73
CA LYS C 251 9.54 -14.18 -27.00
C LYS C 251 8.51 -13.84 -25.93
N THR C 252 8.74 -12.77 -25.16
CA THR C 252 7.81 -12.44 -24.07
C THR C 252 6.44 -12.08 -24.62
N LEU C 253 6.36 -11.57 -25.84
CA LEU C 253 5.06 -11.29 -26.44
C LEU C 253 4.36 -12.58 -26.82
N GLU C 254 5.10 -13.55 -27.37
CA GLU C 254 4.50 -14.83 -27.72
C GLU C 254 4.10 -15.61 -26.46
N ILE C 255 4.94 -15.58 -25.43
CA ILE C 255 4.56 -16.19 -24.15
C ILE C 255 3.33 -15.50 -23.58
N ASN C 256 3.11 -14.23 -23.93
CA ASN C 256 1.96 -13.50 -23.42
C ASN C 256 0.68 -13.92 -24.13
N THR C 257 0.69 -13.93 -25.47
CA THR C 257 -0.50 -14.34 -26.21
C THR C 257 -0.78 -15.83 -25.99
N GLN C 258 0.27 -16.64 -25.95
CA GLN C 258 0.13 -17.99 -25.43
C GLN C 258 -0.11 -17.94 -23.92
N SER C 259 -0.47 -19.08 -23.35
CA SER C 259 -0.81 -19.26 -21.94
C SER C 259 -2.08 -18.52 -21.56
N MET C 260 -2.67 -17.73 -22.47
CA MET C 260 -4.00 -17.19 -22.32
C MET C 260 -5.04 -18.08 -22.97
N ASP C 261 -4.80 -18.46 -24.23
CA ASP C 261 -5.60 -19.53 -24.85
C ASP C 261 -5.51 -20.80 -24.05
N GLN C 262 -4.37 -21.03 -23.37
CA GLN C 262 -4.27 -22.16 -22.46
C GLN C 262 -5.03 -21.89 -21.17
N LEU C 263 -5.12 -20.63 -20.76
CA LEU C 263 -5.81 -20.29 -19.53
C LEU C 263 -7.32 -20.42 -19.69
N ARG C 264 -7.87 -19.84 -20.76
CA ARG C 264 -9.31 -19.97 -21.01
C ARG C 264 -9.71 -21.40 -21.31
N ASP C 265 -8.79 -22.22 -21.80
CA ASP C 265 -9.09 -23.63 -22.03
C ASP C 265 -9.32 -24.36 -20.71
N ILE C 266 -8.58 -23.98 -19.67
CA ILE C 266 -8.76 -24.63 -18.37
C ILE C 266 -9.95 -24.04 -17.62
N LEU C 267 -10.14 -22.73 -17.70
CA LEU C 267 -11.21 -22.08 -16.95
C LEU C 267 -12.57 -22.34 -17.58
N PHE C 268 -12.69 -22.12 -18.88
CA PHE C 268 -13.96 -22.24 -19.59
C PHE C 268 -13.87 -23.43 -20.56
N LYS C 269 -14.37 -24.58 -20.12
CA LYS C 269 -14.42 -25.79 -20.94
C LYS C 269 -15.83 -26.09 -21.45
N ASP C 270 -16.85 -25.87 -20.63
CA ASP C 270 -18.22 -26.19 -20.98
C ASP C 270 -18.88 -25.13 -21.86
N ILE C 271 -18.11 -24.19 -22.39
CA ILE C 271 -18.64 -23.12 -23.24
C ILE C 271 -18.28 -23.46 -24.69
N PRO C 272 -19.26 -23.73 -25.54
CA PRO C 272 -18.95 -24.07 -26.94
C PRO C 272 -18.23 -22.93 -27.64
N THR C 273 -17.11 -23.25 -28.27
CA THR C 273 -16.24 -22.27 -28.89
C THR C 273 -15.72 -22.80 -30.21
N ILE C 274 -15.53 -21.89 -31.16
CA ILE C 274 -14.97 -22.23 -32.47
C ILE C 274 -13.95 -21.16 -32.82
N ARG C 275 -12.74 -21.60 -33.19
CA ARG C 275 -11.67 -20.71 -33.60
C ARG C 275 -11.34 -20.97 -35.07
N ILE C 276 -11.17 -19.90 -35.83
CA ILE C 276 -10.92 -19.99 -37.27
C ILE C 276 -9.58 -19.32 -37.53
N SER C 277 -8.51 -20.11 -37.54
CA SER C 277 -7.18 -19.60 -37.82
C SER C 277 -6.32 -20.78 -38.26
N ASP C 278 -5.78 -20.71 -39.47
CA ASP C 278 -5.01 -21.80 -40.05
C ASP C 278 -3.56 -21.38 -40.22
N THR C 279 -2.65 -22.33 -40.00
CA THR C 279 -1.22 -22.07 -40.09
C THR C 279 -0.71 -22.38 -41.49
N PHE C 280 0.12 -21.49 -42.01
CA PHE C 280 0.72 -21.65 -43.33
C PHE C 280 2.22 -21.88 -43.18
N GLU C 281 2.78 -22.66 -44.11
CA GLU C 281 4.15 -23.14 -43.97
C GLU C 281 5.04 -22.83 -45.16
N ARG C 282 4.50 -22.78 -46.37
CA ARG C 282 5.32 -22.51 -47.53
C ARG C 282 5.88 -21.09 -47.48
N PRO C 283 7.10 -20.88 -47.98
CA PRO C 283 7.70 -19.53 -47.93
C PRO C 283 7.06 -18.55 -48.89
N GLU C 284 5.76 -18.27 -48.69
CA GLU C 284 5.05 -17.30 -49.51
C GLU C 284 4.23 -16.33 -48.67
N MET C 285 4.59 -16.18 -47.39
CA MET C 285 3.92 -15.25 -46.49
C MET C 285 4.94 -14.26 -45.96
N ALA C 286 4.44 -13.18 -45.36
CA ALA C 286 5.30 -12.09 -44.91
C ALA C 286 4.73 -11.52 -43.61
N THR C 287 5.29 -10.40 -43.17
CA THR C 287 4.88 -9.75 -41.94
C THR C 287 3.57 -8.99 -42.16
N ASP C 288 3.16 -8.22 -41.16
CA ASP C 288 1.89 -7.50 -41.22
C ASP C 288 2.02 -6.00 -41.14
N LEU C 289 2.88 -5.48 -40.27
CA LEU C 289 3.01 -4.04 -40.10
C LEU C 289 3.85 -3.39 -41.21
N LEU C 290 4.17 -4.13 -42.26
CA LEU C 290 4.90 -3.57 -43.40
C LEU C 290 4.37 -4.03 -44.75
N GLU C 291 3.36 -4.90 -44.78
CA GLU C 291 2.82 -5.37 -46.05
C GLU C 291 1.85 -4.35 -46.62
N TYR C 292 2.10 -3.92 -47.86
CA TYR C 292 1.22 -2.99 -48.53
C TYR C 292 0.99 -3.33 -50.00
N ASN C 293 1.40 -4.52 -50.45
CA ASN C 293 1.17 -4.94 -51.82
C ASN C 293 -0.25 -5.46 -51.96
N LEU C 294 -1.00 -4.87 -52.90
CA LEU C 294 -2.40 -5.26 -53.07
C LEU C 294 -2.52 -6.72 -53.48
N ASP C 295 -1.63 -7.19 -54.35
CA ASP C 295 -1.67 -8.58 -54.76
C ASP C 295 -1.30 -9.52 -53.62
N LYS C 296 -0.38 -9.10 -52.75
CA LYS C 296 0.02 -9.95 -51.63
C LYS C 296 -1.13 -10.14 -50.64
N LEU C 297 -1.84 -9.07 -50.31
CA LEU C 297 -2.96 -9.16 -49.38
C LEU C 297 -4.18 -9.83 -49.99
N ASN C 298 -4.35 -9.73 -51.31
CA ASN C 298 -5.51 -10.34 -51.95
C ASN C 298 -5.54 -11.85 -51.77
N THR C 299 -4.37 -12.48 -51.68
CA THR C 299 -4.32 -13.93 -51.51
C THR C 299 -4.79 -14.34 -50.12
N LEU C 300 -4.58 -13.49 -49.11
CA LEU C 300 -5.03 -13.81 -47.76
C LEU C 300 -6.55 -13.87 -47.68
N ARG C 301 -7.25 -13.00 -48.42
CA ARG C 301 -8.71 -12.98 -48.36
C ARG C 301 -9.30 -14.29 -48.86
N GLN C 302 -8.72 -14.87 -49.91
CA GLN C 302 -9.22 -16.13 -50.44
C GLN C 302 -8.98 -17.26 -49.45
N ARG C 303 -7.83 -17.25 -48.78
CA ARG C 303 -7.51 -18.31 -47.82
C ARG C 303 -8.50 -18.34 -46.68
N GLY C 304 -9.00 -17.17 -46.27
CA GLY C 304 -10.00 -17.12 -45.21
C GLY C 304 -11.31 -17.75 -45.64
N ARG C 305 -11.72 -17.53 -46.89
CA ARG C 305 -12.96 -18.13 -47.37
C ARG C 305 -12.87 -19.64 -47.43
N GLU C 306 -11.68 -20.17 -47.78
CA GLU C 306 -11.51 -21.62 -47.77
C GLU C 306 -11.58 -22.19 -46.35
N SER C 307 -11.08 -21.45 -45.37
CA SER C 307 -11.15 -21.91 -43.99
C SER C 307 -12.59 -21.98 -43.49
N PHE C 308 -13.49 -21.18 -44.07
CA PHE C 308 -14.88 -21.24 -43.67
C PHE C 308 -15.55 -22.51 -44.16
N GLY C 309 -15.24 -22.93 -45.40
CA GLY C 309 -15.91 -24.08 -45.98
C GLY C 309 -15.66 -25.37 -45.21
N ALA C 310 -14.48 -25.49 -44.60
CA ALA C 310 -14.16 -26.71 -43.86
C ALA C 310 -14.92 -26.80 -42.54
N ARG C 311 -15.47 -25.70 -42.05
CA ARG C 311 -16.19 -25.69 -40.78
C ARG C 311 -17.62 -25.15 -40.92
N GLU C 312 -18.15 -25.13 -42.14
CA GLU C 312 -19.51 -24.64 -42.35
C GLU C 312 -20.56 -25.53 -41.70
N ALA C 313 -20.21 -26.79 -41.41
CA ALA C 313 -21.18 -27.67 -40.77
C ALA C 313 -21.45 -27.27 -39.33
N GLN C 314 -20.41 -26.87 -38.60
CA GLN C 314 -20.59 -26.51 -37.19
C GLN C 314 -21.11 -25.09 -37.04
N LEU C 315 -20.65 -24.17 -37.88
CA LEU C 315 -21.12 -22.79 -37.77
C LEU C 315 -22.62 -22.67 -38.04
N ARG C 316 -23.15 -23.54 -38.88
CA ARG C 316 -24.60 -23.55 -39.11
C ARG C 316 -25.35 -24.00 -37.87
N GLU C 317 -24.72 -24.82 -37.03
CA GLU C 317 -25.39 -25.29 -35.82
C GLU C 317 -25.53 -24.16 -34.80
N PHE C 318 -24.47 -23.35 -34.64
CA PHE C 318 -24.52 -22.27 -33.66
C PHE C 318 -25.34 -21.08 -34.16
N LEU C 319 -24.95 -20.51 -35.29
CA LEU C 319 -25.61 -19.31 -35.81
C LEU C 319 -27.01 -19.59 -36.33
N ILE C 320 -27.31 -20.84 -36.67
CA ILE C 320 -28.61 -21.23 -37.21
C ILE C 320 -29.00 -20.38 -38.41
N SER D 8 10.03 -28.94 16.97
CA SER D 8 10.16 -29.60 18.25
C SER D 8 9.32 -28.90 19.32
N SER D 9 9.03 -27.62 19.08
CA SER D 9 8.23 -26.81 19.99
C SER D 9 6.79 -26.66 19.54
N LEU D 10 6.56 -26.60 18.23
CA LEU D 10 5.20 -26.50 17.69
C LEU D 10 4.49 -27.84 17.85
N LEU D 11 3.44 -27.87 18.67
CA LEU D 11 2.77 -29.12 19.00
C LEU D 11 1.25 -29.10 18.85
N THR D 12 0.61 -27.93 18.80
CA THR D 12 -0.83 -27.89 18.70
C THR D 12 -1.30 -28.41 17.34
N GLU D 13 -2.45 -29.08 17.33
CA GLU D 13 -2.97 -29.70 16.13
C GLU D 13 -4.38 -29.18 15.84
N TYR D 14 -4.73 -29.18 14.56
CA TYR D 14 -6.03 -28.71 14.10
C TYR D 14 -6.78 -29.85 13.43
N GLY D 15 -8.05 -30.01 13.76
CA GLY D 15 -8.86 -31.06 13.17
C GLY D 15 -9.17 -30.80 11.71
N ASN D 16 -9.83 -31.78 11.10
CA ASN D 16 -10.19 -31.68 9.69
C ASN D 16 -11.27 -30.61 9.51
N ASP D 17 -11.16 -29.86 8.41
CA ASP D 17 -12.08 -28.78 8.12
C ASP D 17 -12.39 -28.77 6.63
N ASN D 18 -13.60 -28.33 6.29
CA ASN D 18 -14.05 -28.34 4.90
C ASN D 18 -13.44 -27.20 4.09
N ILE D 19 -13.17 -26.05 4.73
CA ILE D 19 -12.55 -24.94 4.02
C ILE D 19 -11.15 -25.35 3.60
N CYS D 20 -10.79 -25.03 2.36
CA CYS D 20 -9.49 -25.38 1.79
C CYS D 20 -8.71 -24.10 1.53
N ARG D 21 -7.68 -23.87 2.35
CA ARG D 21 -6.83 -22.70 2.18
C ARG D 21 -5.90 -22.90 0.99
N VAL D 22 -5.11 -21.88 0.69
CA VAL D 22 -4.15 -21.93 -0.41
C VAL D 22 -3.12 -20.83 -0.19
N LEU D 23 -1.87 -21.16 -0.46
CA LEU D 23 -0.75 -20.23 -0.26
C LEU D 23 -0.02 -20.05 -1.59
N ALA D 24 -0.10 -18.85 -2.15
CA ALA D 24 0.58 -18.51 -3.39
C ALA D 24 1.72 -17.56 -3.09
N LEU D 25 2.94 -17.96 -3.41
CA LEU D 25 4.14 -17.20 -3.10
C LEU D 25 4.64 -16.51 -4.36
N ASP D 26 4.83 -15.20 -4.26
CA ASP D 26 5.30 -14.43 -5.41
C ASP D 26 6.74 -14.81 -5.76
N GLY D 27 7.14 -14.47 -6.98
CA GLY D 27 8.48 -14.78 -7.44
C GLY D 27 9.39 -13.56 -7.44
N GLY D 28 10.33 -13.54 -6.51
CA GLY D 28 11.22 -12.39 -6.39
C GLY D 28 12.65 -12.66 -6.82
N GLY D 29 13.52 -12.91 -5.84
CA GLY D 29 14.93 -13.10 -6.09
C GLY D 29 15.70 -13.10 -4.78
N ALA D 30 16.76 -12.30 -4.69
CA ALA D 30 17.45 -12.12 -3.42
C ALA D 30 16.55 -11.49 -2.36
N LYS D 31 15.39 -10.97 -2.76
CA LYS D 31 14.45 -10.34 -1.85
C LYS D 31 13.49 -11.34 -1.21
N GLY D 32 13.84 -12.63 -1.19
CA GLY D 32 13.00 -13.62 -0.55
C GLY D 32 12.96 -13.53 0.96
N PHE D 33 13.80 -12.68 1.56
CA PHE D 33 13.77 -12.52 3.01
C PHE D 33 12.44 -11.96 3.49
N TYR D 34 11.81 -11.09 2.68
CA TYR D 34 10.51 -10.54 3.04
C TYR D 34 9.49 -11.66 3.26
N THR D 35 9.46 -12.65 2.38
CA THR D 35 8.55 -13.78 2.53
C THR D 35 8.85 -14.56 3.80
N LEU D 36 10.13 -14.72 4.13
CA LEU D 36 10.49 -15.43 5.36
C LEU D 36 10.08 -14.64 6.59
N GLY D 37 10.16 -13.32 6.53
CA GLY D 37 9.71 -12.51 7.66
C GLY D 37 8.21 -12.60 7.88
N VAL D 38 7.44 -12.62 6.79
CA VAL D 38 5.99 -12.72 6.93
C VAL D 38 5.58 -14.09 7.46
N LEU D 39 6.11 -15.15 6.84
CA LEU D 39 5.77 -16.51 7.27
C LEU D 39 6.31 -16.86 8.65
N LYS D 40 7.17 -16.02 9.23
CA LYS D 40 7.74 -16.33 10.53
C LYS D 40 6.68 -16.27 11.62
N GLU D 41 5.92 -15.17 11.67
CA GLU D 41 4.88 -15.05 12.69
C GLU D 41 3.65 -15.87 12.35
N ILE D 42 3.44 -16.17 11.06
CA ILE D 42 2.25 -16.94 10.66
C ILE D 42 2.31 -18.34 11.24
N GLU D 43 3.47 -19.00 11.15
CA GLU D 43 3.61 -20.32 11.75
C GLU D 43 3.65 -20.22 13.26
N ALA D 44 4.22 -19.14 13.80
CA ALA D 44 4.23 -18.94 15.24
C ALA D 44 2.83 -18.69 15.77
N MET D 45 2.01 -17.95 15.03
CA MET D 45 0.63 -17.74 15.43
C MET D 45 -0.15 -19.04 15.42
N LEU D 46 0.08 -19.90 14.42
CA LEU D 46 -0.63 -21.16 14.35
C LEU D 46 -0.13 -22.14 15.40
N GLY D 47 1.19 -22.24 15.57
CA GLY D 47 1.76 -23.19 16.51
C GLY D 47 1.95 -24.58 15.96
N CYS D 48 1.89 -24.75 14.65
CA CYS D 48 2.04 -26.05 14.01
C CYS D 48 2.76 -25.85 12.69
N PRO D 49 3.41 -26.89 12.17
CA PRO D 49 4.05 -26.76 10.85
C PRO D 49 3.04 -26.39 9.78
N LEU D 50 3.53 -25.74 8.73
CA LEU D 50 2.63 -25.19 7.71
C LEU D 50 1.91 -26.27 6.93
N TYR D 51 2.53 -27.45 6.78
CA TYR D 51 1.88 -28.51 6.01
C TYR D 51 0.74 -29.19 6.75
N LYS D 52 0.44 -28.77 7.98
CA LYS D 52 -0.68 -29.33 8.72
C LYS D 52 -1.95 -28.50 8.62
N ARG D 53 -1.85 -27.25 8.19
CA ARG D 53 -2.99 -26.36 8.04
C ARG D 53 -3.35 -26.09 6.60
N PHE D 54 -2.39 -25.69 5.78
CA PHE D 54 -2.65 -25.44 4.37
C PHE D 54 -2.89 -26.74 3.62
N ASP D 55 -3.68 -26.67 2.56
CA ASP D 55 -4.01 -27.82 1.74
C ASP D 55 -3.42 -27.76 0.34
N LEU D 56 -2.84 -26.63 -0.05
CA LEU D 56 -2.31 -26.48 -1.41
C LEU D 56 -1.40 -25.26 -1.49
N VAL D 57 -0.22 -25.42 -2.09
CA VAL D 57 0.76 -24.34 -2.17
C VAL D 57 1.29 -24.27 -3.61
N PHE D 58 1.36 -23.07 -4.16
CA PHE D 58 1.92 -22.81 -5.47
C PHE D 58 2.99 -21.75 -5.33
N GLY D 59 4.09 -21.90 -6.06
CA GLY D 59 5.19 -20.95 -5.97
C GLY D 59 5.90 -20.79 -7.30
N THR D 60 6.38 -19.57 -7.53
CA THR D 60 7.26 -19.28 -8.64
C THR D 60 8.70 -19.48 -8.17
N SER D 61 9.68 -19.02 -8.94
CA SER D 61 11.10 -19.29 -8.72
C SER D 61 11.54 -19.17 -7.27
N THR D 62 11.48 -17.95 -6.73
CA THR D 62 11.84 -17.74 -5.31
C THR D 62 10.91 -18.57 -4.45
N GLY D 63 9.60 -18.46 -4.69
CA GLY D 63 8.63 -19.16 -3.87
C GLY D 63 8.77 -20.67 -3.94
N ALA D 64 9.29 -21.18 -5.06
CA ALA D 64 9.46 -22.63 -5.19
C ALA D 64 10.48 -23.16 -4.19
N ILE D 65 11.58 -22.43 -4.00
CA ILE D 65 12.56 -22.82 -3.00
C ILE D 65 11.89 -22.95 -1.64
N ILE D 66 10.99 -22.03 -1.32
CA ILE D 66 10.27 -22.09 -0.05
C ILE D 66 9.13 -23.10 -0.14
N ALA D 67 8.48 -23.20 -1.30
CA ALA D 67 7.36 -24.14 -1.44
C ALA D 67 7.84 -25.58 -1.34
N ALA D 68 8.99 -25.89 -1.93
CA ALA D 68 9.51 -27.25 -1.85
C ALA D 68 9.93 -27.60 -0.43
N LEU D 69 10.59 -26.67 0.27
CA LEU D 69 11.06 -26.95 1.62
C LEU D 69 9.90 -27.07 2.60
N ILE D 70 8.85 -26.27 2.41
CA ILE D 70 7.67 -26.39 3.27
C ILE D 70 6.96 -27.71 3.03
N ALA D 71 6.92 -28.16 1.76
CA ALA D 71 6.26 -29.42 1.44
C ALA D 71 7.01 -30.63 1.97
N LEU D 72 8.30 -30.49 2.28
CA LEU D 72 9.07 -31.58 2.83
C LEU D 72 9.02 -31.65 4.35
N GLY D 73 8.70 -30.53 5.01
CA GLY D 73 8.63 -30.48 6.47
C GLY D 73 9.56 -29.49 7.11
N TYR D 74 10.31 -28.70 6.35
CA TYR D 74 11.24 -27.73 6.93
C TYR D 74 10.48 -26.58 7.56
N GLU D 75 10.90 -26.21 8.77
CA GLU D 75 10.33 -25.03 9.41
C GLU D 75 10.97 -23.76 8.86
N VAL D 76 10.36 -22.62 9.18
CA VAL D 76 10.81 -21.35 8.60
C VAL D 76 12.20 -20.99 9.11
N ASP D 77 12.48 -21.26 10.38
CA ASP D 77 13.80 -20.96 10.93
C ASP D 77 14.87 -21.81 10.26
N GLN D 78 14.54 -23.04 9.88
CA GLN D 78 15.51 -23.88 9.17
C GLN D 78 15.74 -23.37 7.76
N ILE D 79 14.69 -22.91 7.09
CA ILE D 79 14.85 -22.35 5.75
C ILE D 79 15.69 -21.07 5.81
N HIS D 80 15.48 -20.27 6.86
CA HIS D 80 16.26 -19.05 7.00
C HIS D 80 17.74 -19.37 7.22
N ALA D 81 18.03 -20.45 7.92
CA ALA D 81 19.42 -20.86 8.11
C ALA D 81 20.06 -21.24 6.78
N LEU D 82 19.38 -22.09 6.00
CA LEU D 82 19.89 -22.48 4.70
C LEU D 82 19.94 -21.31 3.72
N TYR D 83 19.15 -20.26 3.96
CA TYR D 83 19.12 -19.12 3.07
C TYR D 83 20.23 -18.12 3.37
N THR D 84 20.50 -17.85 4.63
CA THR D 84 21.52 -16.88 5.01
C THR D 84 22.94 -17.44 4.88
N GLU D 85 23.09 -18.71 4.52
CA GLU D 85 24.39 -19.35 4.43
C GLU D 85 24.91 -19.45 3.00
N HIS D 86 24.08 -19.86 2.06
CA HIS D 86 24.51 -20.15 0.70
C HIS D 86 24.25 -19.01 -0.28
N VAL D 87 23.18 -18.24 -0.08
CA VAL D 87 22.79 -17.17 -0.99
C VAL D 87 23.93 -16.19 -1.26
N PRO D 88 24.70 -15.72 -0.26
CA PRO D 88 25.79 -14.77 -0.57
C PRO D 88 26.81 -15.29 -1.57
N ARG D 89 26.85 -16.59 -1.86
CA ARG D 89 27.80 -17.13 -2.82
C ARG D 89 27.28 -17.06 -4.25
N VAL D 90 26.09 -17.61 -4.50
CA VAL D 90 25.58 -17.67 -5.86
C VAL D 90 25.29 -16.29 -6.43
N MET D 91 24.96 -15.33 -5.57
CA MET D 91 24.73 -13.96 -6.00
C MET D 91 26.02 -13.15 -6.11
N SER D 92 27.16 -13.74 -5.80
CA SER D 92 28.43 -13.03 -5.82
C SER D 92 29.24 -13.27 -7.08
N SER D 93 28.96 -14.34 -7.82
CA SER D 93 29.71 -14.63 -9.02
C SER D 93 29.47 -13.57 -10.09
N ARG D 94 30.42 -13.46 -11.01
CA ARG D 94 30.36 -12.47 -12.08
C ARG D 94 30.43 -13.15 -13.45
N SER D 95 29.66 -14.23 -13.61
CA SER D 95 29.55 -14.92 -14.89
C SER D 95 28.22 -15.67 -14.90
N ALA D 96 27.63 -15.76 -16.10
CA ALA D 96 26.36 -16.46 -16.22
C ALA D 96 26.52 -17.95 -15.97
N ALA D 97 27.57 -18.56 -16.53
CA ALA D 97 27.81 -19.98 -16.31
C ALA D 97 28.28 -20.26 -14.88
N ALA D 98 28.74 -19.24 -14.16
CA ALA D 98 29.19 -19.46 -12.79
C ALA D 98 28.02 -19.54 -11.82
N ARG D 99 26.99 -18.71 -12.02
CA ARG D 99 25.84 -18.73 -11.13
C ARG D 99 25.08 -20.05 -11.25
N THR D 100 24.84 -20.51 -12.48
CA THR D 100 24.09 -21.74 -12.68
C THR D 100 24.86 -22.96 -12.22
N MET D 101 26.19 -22.89 -12.23
CA MET D 101 26.99 -24.03 -11.76
C MET D 101 26.86 -24.20 -10.26
N ALA D 102 27.07 -23.12 -9.50
CA ALA D 102 26.98 -23.20 -8.05
C ALA D 102 25.55 -23.48 -7.59
N LEU D 103 24.56 -22.96 -8.32
CA LEU D 103 23.17 -23.22 -7.95
C LEU D 103 22.84 -24.70 -8.07
N GLN D 104 23.46 -25.39 -9.03
CA GLN D 104 23.22 -26.82 -9.16
C GLN D 104 23.84 -27.60 -8.00
N ASP D 105 24.98 -27.16 -7.48
CA ASP D 105 25.55 -27.83 -6.32
C ASP D 105 24.72 -27.63 -5.07
N LEU D 106 24.09 -26.46 -4.94
CA LEU D 106 23.25 -26.19 -3.76
C LEU D 106 22.09 -27.18 -3.70
N ALA D 107 21.43 -27.43 -4.84
CA ALA D 107 20.32 -28.37 -4.86
C ALA D 107 20.79 -29.79 -4.55
N LYS D 108 22.04 -30.11 -4.87
CA LYS D 108 22.56 -31.44 -4.61
C LYS D 108 22.70 -31.71 -3.11
N GLU D 109 22.91 -30.67 -2.31
CA GLU D 109 23.16 -30.82 -0.89
C GLU D 109 21.89 -30.79 -0.05
N VAL D 110 20.93 -29.94 -0.41
CA VAL D 110 19.72 -29.81 0.39
C VAL D 110 18.83 -31.04 0.26
N PHE D 111 18.69 -31.55 -0.97
CA PHE D 111 17.92 -32.77 -1.20
C PHE D 111 18.50 -33.45 -2.44
N GLN D 112 19.01 -34.67 -2.27
CA GLN D 112 19.67 -35.38 -3.35
C GLN D 112 18.77 -36.43 -4.01
N ASP D 113 18.22 -37.36 -3.23
CA ASP D 113 17.37 -38.41 -3.76
C ASP D 113 15.90 -38.15 -3.42
N LYS D 114 15.37 -37.06 -3.97
CA LYS D 114 14.00 -36.67 -3.70
C LYS D 114 13.34 -36.23 -4.99
N THR D 115 12.21 -36.84 -5.31
CA THR D 115 11.37 -36.46 -6.43
C THR D 115 10.01 -36.00 -5.89
N PHE D 116 9.06 -35.76 -6.81
CA PHE D 116 7.76 -35.29 -6.40
C PHE D 116 6.87 -36.43 -5.90
N GLU D 117 7.40 -37.21 -4.96
CA GLU D 117 6.63 -38.27 -4.32
C GLU D 117 6.76 -38.28 -2.80
N ASP D 118 7.79 -37.64 -2.24
CA ASP D 118 7.98 -37.60 -0.80
C ASP D 118 7.37 -36.37 -0.15
N VAL D 119 6.67 -35.53 -0.93
CA VAL D 119 6.07 -34.32 -0.37
C VAL D 119 4.87 -34.69 0.49
N LEU D 120 4.58 -33.85 1.48
CA LEU D 120 3.50 -34.09 2.43
C LEU D 120 2.20 -33.38 2.07
N MET D 121 2.22 -32.47 1.09
CA MET D 121 1.04 -31.72 0.70
C MET D 121 1.07 -31.49 -0.81
N GLY D 122 0.00 -30.89 -1.33
CA GLY D 122 -0.07 -30.60 -2.74
C GLY D 122 0.81 -29.42 -3.09
N ILE D 123 1.65 -29.60 -4.11
CA ILE D 123 2.60 -28.58 -4.53
C ILE D 123 2.44 -28.32 -6.02
N GLY D 124 2.72 -27.09 -6.42
CA GLY D 124 2.75 -26.72 -7.83
C GLY D 124 3.84 -25.71 -8.09
N ILE D 125 4.74 -26.02 -9.03
CA ILE D 125 5.88 -25.18 -9.34
C ILE D 125 5.76 -24.74 -10.79
N VAL D 126 5.92 -23.44 -11.03
CA VAL D 126 5.70 -22.85 -12.35
C VAL D 126 7.03 -22.73 -13.07
N ALA D 127 6.95 -22.89 -14.42
CA ALA D 127 8.07 -22.66 -15.38
C ALA D 127 7.53 -22.73 -16.83
N THR D 128 7.59 -21.63 -17.59
CA THR D 128 7.18 -21.67 -19.00
C THR D 128 8.31 -22.25 -19.82
N ARG D 129 8.02 -22.71 -21.04
CA ARG D 129 9.06 -23.42 -21.84
C ARG D 129 9.86 -22.44 -22.71
N TRP D 130 10.50 -22.97 -23.76
CA TRP D 130 11.33 -22.15 -24.67
C TRP D 130 10.93 -22.48 -26.11
N MET D 131 10.06 -23.48 -26.28
CA MET D 131 9.66 -23.93 -27.64
C MET D 131 8.13 -23.87 -27.79
N THR D 132 7.38 -24.31 -26.77
CA THR D 132 5.94 -24.21 -26.82
C THR D 132 5.41 -22.91 -26.22
N GLU D 133 6.25 -22.20 -25.47
CA GLU D 133 5.88 -20.92 -24.84
C GLU D 133 4.64 -21.07 -23.95
N ARG D 134 4.48 -22.23 -23.33
CA ARG D 134 3.40 -22.47 -22.40
C ARG D 134 3.98 -22.87 -21.04
N PRO D 135 3.22 -22.68 -19.94
CA PRO D 135 3.78 -23.02 -18.67
C PRO D 135 4.07 -24.49 -18.58
N MET D 136 4.85 -24.90 -17.60
CA MET D 136 5.04 -26.29 -17.21
C MET D 136 4.92 -26.35 -15.69
N ILE D 137 3.85 -26.97 -15.20
CA ILE D 137 3.51 -26.96 -13.79
C ILE D 137 3.71 -28.35 -13.23
N PHE D 138 4.79 -28.54 -12.49
CA PHE D 138 5.07 -29.82 -11.84
C PHE D 138 4.12 -30.02 -10.68
N LYS D 139 3.15 -30.91 -10.85
CA LYS D 139 2.16 -31.17 -9.82
C LYS D 139 2.60 -32.37 -8.98
N GLY D 140 1.78 -32.71 -7.98
CA GLY D 140 2.15 -33.76 -7.05
C GLY D 140 1.23 -34.97 -7.07
N ASN D 141 -0.04 -34.76 -7.39
CA ASN D 141 -1.03 -35.83 -7.39
C ASN D 141 -1.84 -35.78 -8.69
N VAL D 142 -2.43 -36.92 -9.03
CA VAL D 142 -3.17 -37.03 -10.29
C VAL D 142 -4.49 -36.27 -10.26
N VAL D 143 -5.02 -35.96 -9.07
CA VAL D 143 -6.29 -35.26 -8.98
C VAL D 143 -6.15 -33.80 -9.36
N GLN D 144 -4.94 -33.25 -9.29
CA GLN D 144 -4.72 -31.85 -9.62
C GLN D 144 -4.56 -31.60 -11.12
N ALA D 145 -4.72 -32.63 -11.94
CA ALA D 145 -4.63 -32.48 -13.38
C ALA D 145 -5.97 -32.09 -13.98
N HIS D 146 -5.96 -31.70 -15.24
CA HIS D 146 -7.16 -31.35 -15.98
C HIS D 146 -7.46 -32.32 -17.12
N GLY D 147 -6.49 -32.57 -17.99
CA GLY D 147 -6.66 -33.50 -19.08
C GLY D 147 -5.50 -34.48 -19.14
N ARG D 148 -5.63 -35.44 -20.06
CA ARG D 148 -4.61 -36.46 -20.32
C ARG D 148 -4.30 -37.25 -19.05
N LYS D 149 -5.35 -37.65 -18.33
CA LYS D 149 -5.19 -38.42 -17.11
C LYS D 149 -5.05 -39.91 -17.40
N GLY D 150 -4.16 -40.25 -18.34
CA GLY D 150 -3.84 -41.63 -18.61
C GLY D 150 -2.35 -41.88 -18.54
N THR D 151 -1.57 -40.81 -18.77
CA THR D 151 -0.11 -40.83 -18.69
C THR D 151 0.28 -39.74 -17.70
N PHE D 152 0.29 -40.08 -16.41
CA PHE D 152 0.54 -39.11 -15.34
C PHE D 152 1.64 -39.66 -14.44
N SER D 153 2.87 -39.23 -14.69
CA SER D 153 3.86 -39.52 -13.67
C SER D 153 3.93 -38.35 -12.67
N PRO D 154 3.94 -38.64 -11.37
CA PRO D 154 3.85 -37.56 -10.39
C PRO D 154 5.08 -36.68 -10.35
N GLY D 155 5.17 -35.73 -11.28
CA GLY D 155 6.27 -34.80 -11.31
C GLY D 155 7.13 -34.96 -12.54
N PHE D 156 6.56 -35.55 -13.60
CA PHE D 156 7.27 -35.83 -14.85
C PHE D 156 8.48 -36.73 -14.64
N GLY D 157 8.49 -37.49 -13.54
CA GLY D 157 9.60 -38.36 -13.21
C GLY D 157 10.88 -37.66 -12.84
N VAL D 158 10.90 -36.33 -12.81
CA VAL D 158 12.11 -35.56 -12.57
C VAL D 158 12.26 -35.33 -11.07
N SER D 159 13.51 -35.28 -10.61
CA SER D 159 13.80 -35.01 -9.21
C SER D 159 13.58 -33.54 -8.88
N ILE D 160 13.45 -33.24 -7.59
CA ILE D 160 13.22 -31.87 -7.17
C ILE D 160 14.47 -31.02 -7.31
N ALA D 161 15.65 -31.64 -7.40
CA ALA D 161 16.88 -30.88 -7.49
C ALA D 161 16.92 -30.02 -8.76
N ASP D 162 16.75 -30.65 -9.92
CA ASP D 162 16.79 -29.93 -11.18
C ASP D 162 15.44 -29.34 -11.57
N ALA D 163 14.35 -29.74 -10.91
CA ALA D 163 13.05 -29.13 -11.19
C ALA D 163 13.00 -27.70 -10.64
N VAL D 164 13.41 -27.52 -9.38
CA VAL D 164 13.41 -26.20 -8.78
C VAL D 164 14.45 -25.31 -9.43
N GLN D 165 15.58 -25.88 -9.87
CA GLN D 165 16.59 -25.09 -10.55
C GLN D 165 16.07 -24.52 -11.87
N ALA D 166 15.16 -25.24 -12.53
CA ALA D 166 14.62 -24.74 -13.79
C ALA D 166 13.78 -23.49 -13.58
N SER D 167 13.06 -23.41 -12.46
CA SER D 167 12.23 -22.24 -12.20
C SER D 167 13.07 -20.99 -11.99
N CYS D 168 14.23 -21.13 -11.33
CA CYS D 168 15.09 -20.01 -11.01
C CYS D 168 16.07 -19.68 -12.13
N SER D 169 15.79 -20.11 -13.36
CA SER D 169 16.72 -19.95 -14.48
C SER D 169 16.34 -18.71 -15.28
N ALA D 170 16.68 -17.55 -14.72
CA ALA D 170 16.47 -16.28 -15.41
C ALA D 170 17.44 -16.20 -16.58
N TYR D 171 16.91 -16.36 -17.80
CA TYR D 171 17.76 -16.49 -18.98
C TYR D 171 18.77 -15.36 -19.17
N PRO D 172 18.43 -14.08 -18.97
CA PRO D 172 19.44 -13.03 -19.19
C PRO D 172 20.66 -13.15 -18.29
N PHE D 173 20.53 -13.80 -17.13
CA PHE D 173 21.63 -13.94 -16.19
C PHE D 173 21.97 -15.38 -15.86
N PHE D 174 21.13 -16.34 -16.23
CA PHE D 174 21.40 -17.76 -16.03
C PHE D 174 21.42 -18.44 -17.40
N GLU D 175 21.52 -19.76 -17.39
CA GLU D 175 21.47 -20.54 -18.60
C GLU D 175 20.23 -21.41 -18.60
N ARG D 176 19.68 -21.65 -19.79
CA ARG D 176 18.44 -22.40 -19.92
C ARG D 176 18.64 -23.84 -19.45
N LYS D 177 17.96 -24.21 -18.37
CA LYS D 177 18.11 -25.54 -17.82
C LYS D 177 17.44 -26.57 -18.72
N VAL D 178 18.18 -27.60 -19.10
CA VAL D 178 17.67 -28.68 -19.93
C VAL D 178 17.32 -29.84 -19.02
N ILE D 179 16.08 -30.34 -19.14
CA ILE D 179 15.56 -31.39 -18.28
C ILE D 179 15.24 -32.60 -19.13
N VAL D 180 15.57 -33.79 -18.62
CA VAL D 180 15.20 -35.06 -19.23
C VAL D 180 14.18 -35.73 -18.32
N THR D 181 12.97 -35.95 -18.83
CA THR D 181 11.88 -36.49 -18.04
C THR D 181 12.03 -38.01 -17.94
N ALA D 182 11.02 -38.67 -17.37
CA ALA D 182 11.05 -40.12 -17.26
C ALA D 182 10.76 -40.79 -18.59
N ALA D 183 9.89 -40.19 -19.41
CA ALA D 183 9.60 -40.76 -20.72
C ALA D 183 10.78 -40.64 -21.67
N GLY D 184 11.64 -39.64 -21.47
CA GLY D 184 12.80 -39.43 -22.32
C GLY D 184 12.75 -38.18 -23.17
N ASP D 185 11.70 -37.38 -23.08
CA ASP D 185 11.58 -36.17 -23.89
C ASP D 185 12.48 -35.09 -23.32
N LYS D 186 13.42 -34.61 -24.13
CA LYS D 186 14.35 -33.55 -23.72
C LYS D 186 13.61 -32.22 -23.77
N VAL D 187 13.19 -31.73 -22.62
CA VAL D 187 12.47 -30.47 -22.52
C VAL D 187 13.43 -29.39 -22.06
N GLU D 188 13.24 -28.18 -22.58
CA GLU D 188 14.06 -27.03 -22.24
C GLU D 188 13.17 -25.95 -21.65
N LEU D 189 13.54 -25.46 -20.46
CA LEU D 189 12.72 -24.51 -19.73
C LEU D 189 13.56 -23.28 -19.38
N ILE D 190 12.86 -22.21 -18.99
CA ILE D 190 13.49 -20.99 -18.51
C ILE D 190 12.75 -20.52 -17.26
N ASP D 191 13.13 -19.33 -16.78
CA ASP D 191 12.60 -18.78 -15.53
C ASP D 191 11.07 -18.85 -15.50
N GLY D 192 10.54 -19.38 -14.40
CA GLY D 192 9.11 -19.55 -14.24
C GLY D 192 8.32 -18.27 -14.10
N GLY D 193 8.99 -17.12 -14.04
CA GLY D 193 8.32 -15.84 -13.94
C GLY D 193 8.04 -15.15 -15.25
N TYR D 194 8.30 -15.81 -16.37
CA TYR D 194 8.07 -15.19 -17.67
C TYR D 194 6.62 -15.29 -18.13
N CYS D 195 5.88 -16.30 -17.66
CA CYS D 195 4.46 -16.41 -17.95
C CYS D 195 3.59 -15.92 -16.81
N ALA D 196 3.97 -16.19 -15.57
CA ALA D 196 3.18 -15.80 -14.41
C ALA D 196 4.14 -15.56 -13.26
N ASN D 197 4.43 -14.27 -13.00
CA ASN D 197 5.23 -13.91 -11.84
C ASN D 197 4.46 -14.06 -10.54
N ASN D 198 3.17 -14.36 -10.61
CA ASN D 198 2.33 -14.53 -9.44
C ASN D 198 1.37 -15.69 -9.67
N PRO D 199 1.52 -16.79 -8.94
CA PRO D 199 0.67 -17.96 -9.20
C PRO D 199 -0.69 -17.87 -8.52
N THR D 200 -1.10 -16.67 -8.10
CA THR D 200 -2.38 -16.52 -7.42
C THR D 200 -3.53 -16.96 -8.30
N LEU D 201 -3.56 -16.48 -9.55
CA LEU D 201 -4.65 -16.85 -10.46
C LEU D 201 -4.61 -18.33 -10.79
N PHE D 202 -3.42 -18.89 -11.01
CA PHE D 202 -3.30 -20.31 -11.29
C PHE D 202 -3.79 -21.16 -10.13
N ALA D 203 -3.46 -20.76 -8.90
CA ALA D 203 -3.86 -21.54 -7.74
C ALA D 203 -5.37 -21.59 -7.60
N ILE D 204 -6.05 -20.50 -7.90
CA ILE D 204 -7.52 -20.51 -7.85
C ILE D 204 -8.08 -21.31 -9.02
N ALA D 205 -7.41 -21.30 -10.17
CA ALA D 205 -7.86 -22.09 -11.30
C ALA D 205 -7.74 -23.58 -11.01
N ASP D 206 -6.59 -23.98 -10.47
CA ASP D 206 -6.28 -25.41 -10.17
C ASP D 206 -7.09 -25.92 -8.99
N ALA D 207 -7.82 -25.04 -8.29
CA ALA D 207 -8.59 -25.42 -7.12
C ALA D 207 -10.09 -25.42 -7.35
N THR D 208 -10.56 -24.91 -8.48
CA THR D 208 -11.99 -24.81 -8.78
C THR D 208 -12.41 -25.71 -9.93
N VAL D 209 -11.78 -25.58 -11.10
CA VAL D 209 -12.14 -26.44 -12.23
C VAL D 209 -11.47 -27.80 -12.15
N ALA D 210 -10.39 -27.94 -11.38
CA ALA D 210 -9.72 -29.22 -11.19
C ALA D 210 -10.20 -29.93 -9.94
N LEU D 211 -10.18 -29.25 -8.79
CA LEU D 211 -10.73 -29.80 -7.56
C LEU D 211 -12.15 -29.28 -7.40
N LYS D 212 -13.07 -30.20 -7.09
CA LYS D 212 -14.49 -29.86 -7.07
C LYS D 212 -14.84 -29.02 -5.85
N LYS D 213 -14.43 -27.76 -5.84
CA LYS D 213 -14.69 -26.86 -4.72
C LYS D 213 -15.27 -25.56 -5.27
N ASP D 214 -16.44 -25.19 -4.76
CA ASP D 214 -17.11 -23.97 -5.20
C ASP D 214 -16.46 -22.76 -4.53
N HIS D 215 -16.95 -21.57 -4.90
CA HIS D 215 -16.47 -20.35 -4.28
C HIS D 215 -16.98 -20.27 -2.84
N LYS D 216 -16.57 -19.22 -2.13
CA LYS D 216 -16.92 -18.91 -0.75
C LYS D 216 -16.33 -19.90 0.26
N ASP D 217 -15.68 -20.97 -0.21
CA ASP D 217 -15.01 -21.92 0.65
C ASP D 217 -13.52 -21.99 0.36
N ILE D 218 -12.96 -20.90 -0.15
CA ILE D 218 -11.55 -20.82 -0.53
C ILE D 218 -10.96 -19.55 0.07
N ARG D 219 -9.84 -19.70 0.79
CA ARG D 219 -9.15 -18.57 1.41
C ARG D 219 -7.77 -18.47 0.75
N VAL D 220 -7.58 -17.42 -0.04
CA VAL D 220 -6.32 -17.20 -0.76
C VAL D 220 -5.45 -16.26 0.05
N ILE D 221 -4.21 -16.65 0.29
CA ILE D 221 -3.24 -15.85 1.03
C ILE D 221 -2.03 -15.68 0.12
N ASN D 222 -1.94 -14.55 -0.57
CA ASN D 222 -0.87 -14.28 -1.51
C ASN D 222 0.21 -13.46 -0.79
N VAL D 223 1.32 -14.10 -0.45
CA VAL D 223 2.40 -13.48 0.29
C VAL D 223 3.46 -13.07 -0.73
N GLY D 224 3.44 -11.81 -1.13
CA GLY D 224 4.38 -11.29 -2.11
C GLY D 224 5.76 -11.05 -1.53
N VAL D 225 6.51 -10.16 -2.18
CA VAL D 225 7.82 -9.77 -1.71
C VAL D 225 7.97 -8.26 -1.54
N GLY D 226 6.96 -7.47 -1.88
CA GLY D 226 7.04 -6.03 -1.76
C GLY D 226 7.68 -5.39 -2.97
N ILE D 227 7.34 -4.11 -3.17
CA ILE D 227 7.85 -3.32 -4.28
C ILE D 227 8.87 -2.34 -3.73
N TYR D 228 10.03 -2.26 -4.38
CA TYR D 228 11.12 -1.40 -3.95
C TYR D 228 11.60 -0.57 -5.12
N PRO D 229 12.13 0.62 -4.86
CA PRO D 229 12.69 1.44 -5.94
C PRO D 229 13.92 0.80 -6.56
N GLU D 230 14.37 1.40 -7.66
CA GLU D 230 15.54 0.94 -8.38
C GLU D 230 16.66 1.96 -8.31
N PRO D 231 17.91 1.53 -8.10
CA PRO D 231 19.06 2.43 -8.02
C PRO D 231 19.49 2.95 -9.38
N LYS D 242 20.31 -0.48 -28.24
CA LYS D 242 20.28 0.66 -27.33
C LYS D 242 19.21 0.48 -26.27
N TRP D 243 18.96 1.54 -25.50
CA TRP D 243 18.01 1.48 -24.39
C TRP D 243 16.57 1.39 -24.83
N LEU D 244 16.27 1.30 -26.13
CA LEU D 244 14.88 1.22 -26.56
C LEU D 244 14.27 -0.15 -26.25
N ALA D 245 15.08 -1.21 -26.35
CA ALA D 245 14.57 -2.55 -26.15
C ALA D 245 14.51 -2.96 -24.68
N VAL D 246 15.40 -2.41 -23.85
CA VAL D 246 15.42 -2.79 -22.44
C VAL D 246 14.26 -2.15 -21.69
N GLN D 247 13.93 -0.90 -22.05
CA GLN D 247 12.79 -0.22 -21.39
C GLN D 247 11.51 -1.00 -21.73
N LEU D 248 11.36 -1.37 -23.00
CA LEU D 248 10.17 -2.10 -23.42
C LEU D 248 10.11 -3.48 -22.78
N LEU D 249 11.27 -4.12 -22.59
CA LEU D 249 11.29 -5.45 -21.97
C LEU D 249 10.84 -5.37 -20.52
N GLN D 250 11.31 -4.36 -19.78
CA GLN D 250 10.91 -4.22 -18.38
C GLN D 250 9.44 -3.85 -18.26
N LYS D 251 8.92 -3.11 -19.24
CA LYS D 251 7.51 -2.70 -19.18
C LYS D 251 6.57 -3.83 -19.57
N THR D 252 6.93 -4.61 -20.59
CA THR D 252 6.08 -5.72 -21.01
C THR D 252 5.97 -6.78 -19.91
N LEU D 253 7.06 -7.02 -19.18
CA LEU D 253 6.99 -7.91 -18.03
C LEU D 253 6.10 -7.34 -16.93
N GLU D 254 5.90 -6.02 -16.90
CA GLU D 254 5.05 -5.41 -15.89
C GLU D 254 3.58 -5.47 -16.29
N ILE D 255 3.29 -5.33 -17.58
CA ILE D 255 1.90 -5.39 -18.05
C ILE D 255 1.31 -6.77 -17.77
N ASN D 256 2.07 -7.83 -18.06
CA ASN D 256 1.60 -9.17 -17.78
C ASN D 256 1.44 -9.41 -16.28
N THR D 257 2.20 -8.67 -15.46
CA THR D 257 2.09 -8.80 -14.02
C THR D 257 0.81 -8.14 -13.52
N GLN D 258 0.45 -6.99 -14.08
CA GLN D 258 -0.72 -6.26 -13.60
C GLN D 258 -2.00 -6.73 -14.27
N SER D 259 -1.94 -7.05 -15.56
CA SER D 259 -3.12 -7.54 -16.26
C SER D 259 -3.62 -8.84 -15.64
N MET D 260 -2.74 -9.62 -15.02
CA MET D 260 -3.13 -10.90 -14.47
C MET D 260 -3.92 -10.74 -13.17
N ASP D 261 -3.56 -9.77 -12.33
CA ASP D 261 -4.31 -9.55 -11.09
C ASP D 261 -5.59 -8.78 -11.37
N GLN D 262 -5.54 -7.80 -12.29
CA GLN D 262 -6.75 -7.09 -12.69
C GLN D 262 -7.79 -8.03 -13.29
N LEU D 263 -7.36 -9.16 -13.84
CA LEU D 263 -8.28 -10.17 -14.35
C LEU D 263 -8.77 -11.11 -13.24
N ARG D 264 -8.01 -11.24 -12.16
CA ARG D 264 -8.39 -12.18 -11.11
C ARG D 264 -9.59 -11.69 -10.32
N ASP D 265 -9.58 -10.42 -9.92
CA ASP D 265 -10.68 -9.88 -9.14
C ASP D 265 -11.94 -9.65 -9.96
N ILE D 266 -11.88 -9.82 -11.28
CA ILE D 266 -13.08 -9.73 -12.09
C ILE D 266 -13.89 -11.02 -12.01
N LEU D 267 -13.22 -12.17 -12.19
CA LEU D 267 -13.89 -13.45 -12.12
C LEU D 267 -14.12 -13.88 -10.68
N PHE D 268 -13.04 -14.02 -9.92
CA PHE D 268 -13.12 -14.50 -8.54
C PHE D 268 -13.15 -13.32 -7.56
N LYS D 269 -14.20 -12.51 -7.69
CA LYS D 269 -14.37 -11.37 -6.79
C LYS D 269 -14.95 -11.80 -5.44
N ASP D 270 -15.79 -12.83 -5.43
CA ASP D 270 -16.44 -13.31 -4.22
C ASP D 270 -15.62 -14.38 -3.49
N ILE D 271 -14.31 -14.41 -3.69
CA ILE D 271 -13.42 -15.35 -3.01
C ILE D 271 -12.60 -14.56 -2.01
N PRO D 272 -12.67 -14.88 -0.71
CA PRO D 272 -11.92 -14.12 0.29
C PRO D 272 -10.41 -14.25 0.14
N THR D 273 -9.76 -13.16 -0.24
CA THR D 273 -8.32 -13.15 -0.47
C THR D 273 -7.65 -12.14 0.46
N ILE D 274 -6.39 -12.38 0.76
CA ILE D 274 -5.58 -11.50 1.60
C ILE D 274 -4.19 -11.43 0.99
N ARG D 275 -3.85 -10.27 0.42
CA ARG D 275 -2.54 -10.06 -0.18
C ARG D 275 -1.67 -9.27 0.79
N ILE D 276 -0.53 -9.84 1.16
CA ILE D 276 0.40 -9.20 2.08
C ILE D 276 1.67 -8.82 1.35
N SER D 277 1.71 -7.58 0.83
CA SER D 277 2.92 -7.08 0.18
C SER D 277 2.82 -5.56 0.17
N ASP D 278 3.69 -4.90 0.92
CA ASP D 278 3.67 -3.45 1.05
C ASP D 278 4.67 -2.83 0.08
N THR D 279 4.70 -1.51 0.05
CA THR D 279 5.57 -0.76 -0.85
C THR D 279 6.37 0.26 -0.05
N PHE D 280 7.58 0.54 -0.53
CA PHE D 280 8.49 1.48 0.11
C PHE D 280 9.07 2.41 -0.95
N GLU D 281 9.28 3.67 -0.57
CA GLU D 281 9.67 4.70 -1.53
C GLU D 281 10.95 5.45 -1.13
N ARG D 282 11.52 5.17 0.03
CA ARG D 282 12.72 5.89 0.45
C ARG D 282 13.92 5.41 -0.36
N PRO D 283 14.79 6.33 -0.80
CA PRO D 283 15.93 5.93 -1.64
C PRO D 283 16.95 5.07 -0.92
N GLU D 284 16.94 5.05 0.41
CA GLU D 284 17.87 4.19 1.14
C GLU D 284 17.59 2.71 0.92
N MET D 285 16.36 2.36 0.55
CA MET D 285 15.99 0.99 0.19
C MET D 285 15.85 0.94 -1.33
N ALA D 286 16.97 0.69 -2.01
CA ALA D 286 17.01 0.62 -3.46
C ALA D 286 17.34 -0.80 -3.92
N THR D 287 16.70 -1.78 -3.29
CA THR D 287 17.01 -3.18 -3.55
C THR D 287 16.58 -3.57 -4.96
N ASP D 288 17.48 -4.22 -5.69
CA ASP D 288 17.17 -4.75 -7.01
C ASP D 288 17.51 -6.24 -7.05
N LEU D 289 17.49 -6.83 -8.24
CA LEU D 289 17.86 -8.23 -8.38
C LEU D 289 19.37 -8.39 -8.18
N LEU D 290 19.78 -9.63 -7.91
CA LEU D 290 21.19 -9.99 -7.75
C LEU D 290 21.84 -9.21 -6.61
N GLU D 291 21.29 -9.39 -5.41
CA GLU D 291 21.81 -8.75 -4.21
C GLU D 291 22.47 -9.78 -3.31
N TYR D 292 23.60 -9.41 -2.72
CA TYR D 292 24.33 -10.30 -1.83
C TYR D 292 24.75 -9.65 -0.52
N ASN D 293 24.59 -8.33 -0.36
CA ASN D 293 24.96 -7.67 0.88
C ASN D 293 24.01 -8.08 2.00
N LEU D 294 24.55 -8.75 3.02
CA LEU D 294 23.73 -9.23 4.12
C LEU D 294 23.19 -8.13 5.01
N ASP D 295 23.59 -6.87 4.78
CA ASP D 295 23.04 -5.75 5.55
C ASP D 295 21.65 -5.37 5.04
N LYS D 296 21.54 -5.05 3.75
CA LYS D 296 20.26 -4.68 3.19
C LYS D 296 19.30 -5.87 3.17
N LEU D 297 19.83 -7.07 2.93
CA LEU D 297 18.99 -8.27 2.92
C LEU D 297 18.41 -8.58 4.30
N ASN D 298 19.01 -8.06 5.36
CA ASN D 298 18.49 -8.31 6.69
C ASN D 298 17.39 -7.30 7.06
N THR D 299 17.52 -6.06 6.60
CA THR D 299 16.51 -5.06 6.88
C THR D 299 15.18 -5.45 6.23
N LEU D 300 15.23 -6.02 5.02
CA LEU D 300 14.00 -6.45 4.36
C LEU D 300 13.28 -7.54 5.15
N ARG D 301 14.03 -8.34 5.90
CA ARG D 301 13.38 -9.35 6.74
C ARG D 301 12.62 -8.72 7.89
N GLN D 302 13.09 -7.56 8.38
CA GLN D 302 12.36 -6.87 9.45
C GLN D 302 11.07 -6.26 8.93
N ARG D 303 11.10 -5.70 7.71
CA ARG D 303 9.89 -5.13 7.12
C ARG D 303 8.81 -6.17 6.97
N GLY D 304 9.19 -7.41 6.65
CA GLY D 304 8.20 -8.48 6.55
C GLY D 304 7.58 -8.85 7.88
N ARG D 305 8.22 -8.50 8.99
CA ARG D 305 7.67 -8.82 10.30
C ARG D 305 6.55 -7.86 10.69
N GLU D 306 6.68 -6.58 10.36
CA GLU D 306 5.66 -5.60 10.72
C GLU D 306 4.46 -5.65 9.79
N SER D 307 4.61 -6.15 8.57
CA SER D 307 3.48 -6.27 7.66
C SER D 307 2.44 -7.25 8.19
N PHE D 308 2.88 -8.26 8.95
CA PHE D 308 1.94 -9.18 9.57
C PHE D 308 1.20 -8.52 10.73
N GLY D 309 1.82 -7.54 11.38
CA GLY D 309 1.17 -6.89 12.51
C GLY D 309 -0.01 -6.04 12.12
N ALA D 310 0.02 -5.47 10.92
CA ALA D 310 -1.07 -4.62 10.46
C ALA D 310 -2.30 -5.43 10.04
N ARG D 311 -2.12 -6.70 9.69
CA ARG D 311 -3.22 -7.54 9.22
C ARG D 311 -3.41 -8.78 10.07
N GLU D 312 -2.99 -8.73 11.35
CA GLU D 312 -3.15 -9.89 12.22
C GLU D 312 -4.61 -10.09 12.58
N ALA D 313 -5.35 -9.01 12.82
CA ALA D 313 -6.75 -9.13 13.19
C ALA D 313 -7.61 -9.68 12.07
N GLN D 314 -7.14 -9.61 10.82
CA GLN D 314 -7.87 -10.17 9.69
C GLN D 314 -7.48 -11.62 9.40
N LEU D 315 -6.19 -11.95 9.57
CA LEU D 315 -5.73 -13.30 9.28
C LEU D 315 -6.25 -14.33 10.28
N ARG D 316 -6.62 -13.91 11.49
CA ARG D 316 -7.06 -14.86 12.50
C ARG D 316 -8.38 -15.51 12.13
N GLU D 317 -9.19 -14.85 11.30
CA GLU D 317 -10.43 -15.46 10.84
C GLU D 317 -10.19 -16.46 9.72
N PHE D 318 -9.14 -16.27 8.93
CA PHE D 318 -8.85 -17.17 7.82
C PHE D 318 -8.22 -18.47 8.32
N LEU D 319 -7.21 -18.35 9.19
CA LEU D 319 -6.47 -19.51 9.65
C LEU D 319 -7.01 -20.09 10.95
N ILE D 320 -7.86 -19.34 11.66
CA ILE D 320 -8.43 -19.78 12.94
C ILE D 320 -7.33 -20.16 13.93
C1 MAY E . -0.38 25.20 4.09
O1 MAY E . 0.88 22.79 3.09
P1 MAY E . -0.31 23.47 3.68
O2 MAY E . -1.27 23.18 2.50
CM MAY E . -2.20 24.14 1.95
C13 A1AEP F . -12.23 25.87 24.48
C20 A1AEP F . -14.26 27.60 19.27
C21 A1AEP F . -13.57 26.43 19.91
C22 A1AEP F . -13.30 26.43 21.38
C26 A1AEP F . -11.31 27.12 24.54
C02 A1AEP F . -7.73 22.00 21.95
C03 A1AEP F . -8.45 23.02 22.76
C08 A1AEP F . -8.17 22.53 24.20
C09 A1AEP F . -9.18 23.20 25.26
C14 A1AEP F . -13.61 26.40 24.13
C16 A1AEP F . -13.44 27.58 23.63
C18 A1AEP F . -14.38 28.74 21.57
C27 A1AEP F . -9.94 26.78 23.83
C32 A1AEP F . -7.80 20.89 22.65
C34 A1AEP F . -8.36 18.64 21.68
C36 A1AEP F . -7.21 16.59 21.50
C38 A1AEP F . -9.37 16.72 20.61
C40 A1AEP F . -9.44 18.08 21.03
C42 A1AEP F . -9.96 20.19 21.49
N17 A1AEP F . -13.70 27.57 22.20
N19 A1AEP F . -14.65 28.74 20.10
N33 A1AEP F . -8.69 19.94 21.96
N35 A1AEP F . -7.26 17.86 21.90
N37 A1AEP F . -8.24 16.02 20.87
N39 A1AEP F . -10.53 16.08 19.91
N41 A1AEP F . -10.43 19.07 20.93
O01 A1AEP F . -6.25 22.38 21.76
O04 A1AEP F . -7.95 24.29 22.54
O06 A1AEP F . -8.26 26.45 21.00
O07 A1AEP F . -9.66 24.52 20.69
O10 A1AEP F . -10.47 23.26 24.69
O12 A1AEP F . -12.22 25.21 25.71
O15 A1AEP F . -14.46 26.50 25.39
O23 A1AEP F . -14.48 27.60 18.08
O24 A1AEP F . -14.71 29.69 22.25
O25 A1AEP F . -11.90 28.04 23.88
O28 A1AEP F . -10.24 25.91 22.72
O29 A1AEP F . -11.55 23.02 27.13
O30 A1AEP F . -12.93 22.83 25.16
O31 A1AEP F . -8.38 21.29 24.10
P05 A1AEP F . -8.97 25.36 21.76
P11 A1AEP F . -11.74 23.59 25.73
C1 MAY G . 20.09 11.42 26.69
O1 MAY G . 18.98 13.43 28.45
P1 MAY G . 19.17 12.01 28.10
O2 MAY G . 19.92 11.64 29.41
CM MAY G . 21.10 10.77 29.45
C13 A1AEP H . 5.68 -5.90 20.36
C20 A1AEP H . 10.00 -6.50 24.28
C21 A1AEP H . 8.78 -5.66 24.03
C22 A1AEP H . 7.89 -5.97 22.88
C26 A1AEP H . 6.87 -5.60 19.40
C02 A1AEP H . 5.42 0.47 19.66
C03 A1AEP H . 5.71 -0.90 19.12
C08 A1AEP H . 4.42 -1.24 18.32
C09 A1AEP H . 4.26 -2.83 18.17
C14 A1AEP H . 6.09 -7.11 21.18
C16 A1AEP H . 7.32 -7.40 20.86
C18 A1AEP H . 9.42 -7.92 22.23
C27 A1AEP H . 7.52 -4.22 19.77
C32 A1AEP H . 4.12 0.56 19.69
C34 A1AEP H . 3.19 1.88 21.58
C36 A1AEP H . 2.45 4.11 21.78
C38 A1AEP H . 2.33 2.74 23.67
C40 A1AEP H . 2.87 1.66 22.91
C42 A1AEP H . 3.69 -0.24 22.08
N17 A1AEP H . 8.19 -7.08 21.99
N19 A1AEP H . 10.32 -7.62 23.39
N33 A1AEP H . 3.68 0.72 21.08
N35 A1AEP H . 2.96 3.12 21.04
N37 A1AEP H . 2.15 3.94 23.06
N39 A1AEP H . 1.97 2.58 25.11
N41 A1AEP H . 3.19 0.33 23.20
O01 A1AEP H . 6.01 1.57 18.75
O04 A1AEP H . 6.80 -0.88 18.29
O06 A1AEP H . 9.38 -1.40 18.04
O07 A1AEP H . 8.32 -1.62 20.20
O10 A1AEP H . 4.05 -3.37 19.46
O12 A1AEP H . 4.51 -6.15 19.63
O15 A1AEP H . 5.19 -8.29 20.85
O23 A1AEP H . 10.73 -6.23 25.22
O24 A1AEP H . 9.68 -8.85 21.49
O25 A1AEP H . 7.72 -6.53 19.57
O28 A1AEP H . 7.79 -3.50 18.56
O29 A1AEP H . 2.28 -5.13 18.50
O30 A1AEP H . 2.64 -4.93 20.88
O31 A1AEP H . 3.51 -0.78 19.04
P05 A1AEP H . 8.10 -1.84 18.69
P11 A1AEP H . 3.36 -4.89 19.55
C1 MAY I . -2.50 -1.93 -34.59
O1 MAY I . -2.97 -4.77 -34.81
P1 MAY I . -3.50 -3.39 -34.69
O2 MAY I . -4.28 -3.41 -36.03
CM MAY I . -4.31 -2.31 -36.97
C13 A1AEP J . -15.16 0.19 -15.44
C20 A1AEP J . -16.67 2.24 -20.63
C21 A1AEP J . -16.08 1.02 -19.99
C22 A1AEP J . -15.91 0.98 -18.51
C26 A1AEP J . -14.07 1.26 -15.53
C02 A1AEP J . -10.33 -3.17 -17.19
C03 A1AEP J . -11.00 -2.09 -16.39
C08 A1AEP J . -11.00 -2.70 -14.97
C09 A1AEP J . -12.25 -2.11 -14.17
C14 A1AEP J . -16.46 0.93 -15.71
C16 A1AEP J . -16.14 2.08 -16.23
C18 A1AEP J . -16.89 3.31 -18.32
C27 A1AEP J . -13.20 0.72 -16.69
C32 A1AEP J . -10.65 -4.30 -16.60
C34 A1AEP J . -11.60 -6.11 -18.01
C36 A1AEP J . -10.69 -8.03 -19.00
C38 A1AEP J . -12.94 -7.61 -19.34
C40 A1AEP J . -12.82 -6.43 -18.55
C42 A1AEP J . -13.05 -4.56 -17.42
N17 A1AEP J . -16.31 2.11 -17.67
N19 A1AEP J . -17.07 3.36 -19.80
N33 A1AEP J . -11.75 -4.96 -17.32
N35 A1AEP J . -10.56 -6.93 -18.26
N37 A1AEP J . -11.85 -8.37 -19.53
N39 A1AEP J . -14.23 -8.01 -19.95
N41 A1AEP J . -13.72 -5.44 -18.16
O01 A1AEP J . -8.81 -2.96 -17.11
O04 A1AEP J . -10.25 -0.93 -16.39
O06 A1AEP J . -9.71 1.38 -17.62
O07 A1AEP J . -11.41 -0.14 -18.47
O10 A1AEP J . -13.41 -2.43 -14.87
O12 A1AEP J . -15.08 -0.35 -14.17
O15 A1AEP J . -17.17 1.16 -14.40
O23 A1AEP J . -16.82 2.29 -21.82
O24 A1AEP J . -17.23 4.26 -17.66
O25 A1AEP J . -14.59 2.35 -15.89
O28 A1AEP J . -11.93 1.22 -16.40
O29 A1AEP J . -15.02 -2.63 -12.77
O30 A1AEP J . -15.90 -2.57 -15.00
O31 A1AEP J . -11.13 -3.94 -15.11
P05 A1AEP J . -10.75 0.40 -17.22
P11 A1AEP J . -14.83 -2.00 -14.13
C1 MAY K . 14.30 -17.31 -10.69
O1 MAY K . 13.43 -14.83 -10.00
P1 MAY K . 13.53 -16.17 -9.43
O2 MAY K . 14.47 -16.12 -8.09
CM MAY K . 15.85 -15.92 -8.25
C13 A1AEP L . -1.06 -32.53 -17.34
C20 A1AEP L . 2.79 -33.71 -13.23
C21 A1AEP L . 1.79 -32.66 -13.63
C22 A1AEP L . 0.93 -32.88 -14.82
C26 A1AEP L . 0.18 -32.49 -18.27
C02 A1AEP L . -0.17 -26.17 -17.89
C03 A1AEP L . -0.12 -27.56 -18.46
C08 A1AEP L . -1.40 -27.67 -19.34
C09 A1AEP L . -1.92 -29.18 -19.40
C14 A1AEP L . -0.99 -33.86 -16.60
C16 A1AEP L . 0.22 -34.32 -16.79
C18 A1AEP L . 2.06 -35.14 -15.22
C27 A1AEP L . 1.06 -31.25 -17.89
C32 A1AEP L . -1.42 -25.82 -17.95
C34 A1AEP L . -2.54 -24.49 -16.14
C36 A1AEP L . -3.36 -22.28 -16.01
C38 A1AEP L . -3.55 -23.63 -14.12
C40 A1AEP L . -2.93 -24.70 -14.83
C42 A1AEP L . -1.99 -26.57 -15.58
N17 A1AEP L . 1.05 -34.10 -15.62
N19 A1AEP L . 2.93 -34.93 -14.01
N33 A1AEP L . -1.97 -25.64 -16.59
N35 A1AEP L . -2.77 -23.26 -16.70
N37 A1AEP L . -3.76 -22.45 -14.75
N39 A1AEP L . -3.99 -23.80 -12.70
N41 A1AEP L . -2.56 -26.02 -14.51
O01 A1AEP L . 0.69 -25.22 -18.74
O04 A1AEP L . 1.00 -27.73 -19.24
O06 A1AEP L . 3.45 -28.78 -19.41
O07 A1AEP L . 2.25 -28.82 -17.33
O10 A1AEP L . -2.18 -29.60 -18.08
O12 A1AEP L . -2.25 -32.41 -18.08
O15 A1AEP L . -2.00 -34.84 -17.15
O23 A1AEP L . 3.49 -33.52 -12.25
O24 A1AEP L . 2.17 -36.16 -15.87
O25 A1AEP L . 0.83 -33.56 -18.08
O28 A1AEP L . 1.41 -30.50 -19.07
O29 A1AEP L . -4.43 -30.94 -18.64
O30 A1AEP L . -3.51 -30.97 -16.41
O31 A1AEP L . -2.25 -26.96 -18.73
P05 A1AEP L . 2.06 -28.95 -18.85
P11 A1AEP L . -3.11 -30.98 -17.88
#